data_3R1P
#
_entry.id   3R1P
#
_cell.length_a   46.810
_cell.length_b   57.992
_cell.length_c   78.070
_cell.angle_alpha   69.17
_cell.angle_beta   85.91
_cell.angle_gamma   75.54
#
_symmetry.space_group_name_H-M   'P 1'
#
loop_
_entity.id
_entity.type
_entity.pdbx_description
1 polymer 'Odorant binding protein, antennal'
2 non-polymer 'PALMITIC ACID'
3 water water
#
_entity_poly.entity_id   1
_entity_poly.type   'polypeptide(L)'
_entity_poly.pdbx_seq_one_letter_code
;MAPFEIPDRYKKPAKMLHEICIAESGASEEQLRTCLDGTVPTAPAAKCYIHCLFDKIDVVDEATGRILLDRLLYIIPDDV
KAAVDHLTRECSHIVTPDKCETAYETVKCYFNAHDEVIKFCHLLVLE
;
_entity_poly.pdbx_strand_id   A,B,C,D,E,F
#
# COMPACT_ATOMS: atom_id res chain seq x y z
N ARG A 9 1.90 -13.20 0.29
CA ARG A 9 2.79 -12.67 1.31
C ARG A 9 4.14 -13.41 1.23
N TYR A 10 5.25 -12.77 1.64
CA TYR A 10 5.34 -11.42 2.22
C TYR A 10 5.48 -10.25 1.21
N LYS A 11 5.85 -10.59 -0.04
CA LYS A 11 6.13 -9.62 -1.12
C LYS A 11 4.98 -8.66 -1.51
N LYS A 12 3.72 -9.15 -1.65
CA LYS A 12 2.58 -8.29 -2.01
C LYS A 12 2.37 -7.17 -0.97
N PRO A 13 2.23 -7.46 0.36
CA PRO A 13 2.01 -6.36 1.31
C PRO A 13 3.10 -5.29 1.37
N ALA A 14 4.38 -5.71 1.32
CA ALA A 14 5.53 -4.80 1.41
C ALA A 14 5.66 -3.82 0.24
N LYS A 15 5.27 -4.26 -0.98
CA LYS A 15 5.31 -3.42 -2.19
C LYS A 15 4.29 -2.27 -2.09
N MET A 16 3.12 -2.62 -1.55
CA MET A 16 1.94 -1.80 -1.20
C MET A 16 2.39 -0.69 -0.23
N LEU A 17 3.24 -1.07 0.76
CA LEU A 17 3.79 -0.23 1.82
C LEU A 17 4.85 0.75 1.29
N HIS A 18 5.73 0.29 0.38
CA HIS A 18 6.81 1.05 -0.25
C HIS A 18 6.32 2.27 -1.08
N GLU A 19 5.27 2.06 -1.91
CA GLU A 19 4.69 3.09 -2.78
C GLU A 19 4.04 4.25 -2.04
N ILE A 20 3.33 3.97 -0.93
CA ILE A 20 2.70 5.02 -0.13
C ILE A 20 3.76 5.89 0.56
N CYS A 21 4.78 5.26 1.16
CA CYS A 21 5.83 5.96 1.86
C CYS A 21 6.79 6.77 1.03
N ILE A 22 6.95 6.41 -0.26
CA ILE A 22 7.73 7.20 -1.21
C ILE A 22 6.97 8.52 -1.41
N ALA A 23 5.64 8.42 -1.64
CA ALA A 23 4.73 9.54 -1.89
C ALA A 23 4.63 10.50 -0.70
N GLU A 24 4.48 9.95 0.52
CA GLU A 24 4.37 10.74 1.75
C GLU A 24 5.66 11.48 2.12
N SER A 25 6.78 10.75 2.19
CA SER A 25 8.07 11.34 2.58
C SER A 25 8.66 12.24 1.52
N GLY A 26 8.38 11.93 0.25
CA GLY A 26 8.94 12.68 -0.87
C GLY A 26 10.39 12.29 -1.13
N ALA A 27 10.74 11.02 -0.84
CA ALA A 27 12.08 10.46 -1.05
C ALA A 27 12.16 9.79 -2.42
N SER A 28 13.28 10.02 -3.12
CA SER A 28 13.49 9.49 -4.45
C SER A 28 13.91 8.01 -4.39
N GLU A 29 13.73 7.28 -5.51
CA GLU A 29 14.14 5.88 -5.60
C GLU A 29 15.66 5.77 -5.39
N GLU A 30 16.44 6.75 -5.91
CA GLU A 30 17.90 6.83 -5.78
C GLU A 30 18.31 6.93 -4.32
N GLN A 31 17.60 7.76 -3.51
CA GLN A 31 17.87 7.97 -2.08
C GLN A 31 17.65 6.68 -1.29
N LEU A 32 16.59 5.94 -1.62
CA LEU A 32 16.25 4.68 -0.94
C LEU A 32 17.13 3.52 -1.38
N ARG A 33 17.48 3.49 -2.69
CA ARG A 33 18.31 2.47 -3.33
C ARG A 33 19.72 2.34 -2.77
N THR A 34 20.10 3.28 -1.87
CA THR A 34 21.39 3.25 -1.15
C THR A 34 21.40 2.02 -0.23
N CYS A 35 20.22 1.48 0.13
CA CYS A 35 20.08 0.29 0.96
C CYS A 35 20.63 -1.01 0.33
N LEU A 36 20.78 -1.05 -1.03
CA LEU A 36 21.22 -2.23 -1.77
C LEU A 36 22.58 -2.82 -1.37
N ASP A 37 23.45 -2.00 -0.75
CA ASP A 37 24.76 -2.43 -0.23
C ASP A 37 24.75 -2.58 1.31
N GLY A 38 23.56 -2.45 1.92
CA GLY A 38 23.37 -2.58 3.36
C GLY A 38 23.39 -1.28 4.13
N THR A 39 23.54 -0.13 3.44
CA THR A 39 23.56 1.15 4.16
C THR A 39 22.15 1.63 4.48
N VAL A 40 21.91 2.11 5.72
CA VAL A 40 20.61 2.66 6.09
C VAL A 40 20.54 4.03 5.41
N PRO A 41 19.53 4.28 4.53
CA PRO A 41 19.48 5.59 3.82
C PRO A 41 19.50 6.79 4.77
N THR A 42 20.30 7.81 4.41
CA THR A 42 20.55 8.99 5.25
C THR A 42 19.92 10.31 4.84
N ALA A 43 19.33 10.39 3.63
CA ALA A 43 18.69 11.63 3.17
C ALA A 43 17.59 12.06 4.17
N PRO A 44 17.40 13.38 4.42
CA PRO A 44 16.33 13.81 5.34
C PRO A 44 14.97 13.22 4.96
N ALA A 45 14.72 13.06 3.64
CA ALA A 45 13.51 12.50 3.07
C ALA A 45 13.44 10.97 3.18
N ALA A 46 14.60 10.27 3.15
CA ALA A 46 14.63 8.81 3.26
C ALA A 46 14.39 8.39 4.72
N LYS A 47 14.83 9.23 5.68
CA LYS A 47 14.62 9.02 7.13
C LYS A 47 13.12 9.10 7.43
N CYS A 48 12.39 10.00 6.70
CA CYS A 48 10.94 10.14 6.82
C CYS A 48 10.22 8.96 6.21
N TYR A 49 10.80 8.33 5.15
CA TYR A 49 10.25 7.11 4.52
C TYR A 49 10.18 5.99 5.58
N ILE A 50 11.24 5.85 6.39
CA ILE A 50 11.33 4.86 7.46
C ILE A 50 10.23 5.12 8.51
N HIS A 51 10.06 6.40 8.94
CA HIS A 51 9.00 6.77 9.90
C HIS A 51 7.65 6.36 9.32
N CYS A 52 7.42 6.66 8.02
CA CYS A 52 6.20 6.29 7.34
C CYS A 52 5.90 4.78 7.43
N LEU A 53 6.93 3.91 7.23
CA LEU A 53 6.79 2.45 7.32
C LEU A 53 6.35 2.01 8.72
N PHE A 54 6.91 2.62 9.77
CA PHE A 54 6.55 2.31 11.16
C PHE A 54 5.13 2.78 11.48
N ASP A 55 4.78 3.98 11.02
CA ASP A 55 3.43 4.55 11.19
C ASP A 55 2.35 3.67 10.51
N LYS A 56 2.60 3.21 9.25
CA LYS A 56 1.62 2.38 8.52
C LYS A 56 1.39 1.01 9.12
N ILE A 57 2.44 0.41 9.69
CA ILE A 57 2.31 -0.91 10.32
C ILE A 57 1.89 -0.79 11.80
N ASP A 58 1.66 0.46 12.25
CA ASP A 58 1.17 0.83 13.59
C ASP A 58 2.11 0.45 14.77
N VAL A 59 3.43 0.66 14.58
CA VAL A 59 4.44 0.35 15.61
C VAL A 59 5.05 1.61 16.24
N VAL A 60 4.43 2.78 16.01
CA VAL A 60 4.88 4.04 16.60
C VAL A 60 4.01 4.24 17.86
N ASP A 61 4.65 4.34 19.04
CA ASP A 61 3.97 4.54 20.32
C ASP A 61 3.28 5.90 20.39
N GLU A 62 1.94 5.89 20.59
CA GLU A 62 1.13 7.10 20.69
C GLU A 62 1.62 8.04 21.82
N ALA A 63 1.85 7.47 23.01
CA ALA A 63 2.30 8.18 24.21
C ALA A 63 3.69 8.81 24.14
N THR A 64 4.69 8.09 23.59
CA THR A 64 6.08 8.55 23.56
C THR A 64 6.68 8.81 22.18
N GLY A 65 6.22 8.11 21.16
CA GLY A 65 6.77 8.21 19.81
C GLY A 65 7.87 7.17 19.60
N ARG A 66 8.21 6.38 20.66
CA ARG A 66 9.23 5.33 20.53
C ARG A 66 8.74 4.24 19.58
N ILE A 67 9.68 3.49 18.98
CA ILE A 67 9.31 2.44 18.04
C ILE A 67 9.17 1.10 18.78
N LEU A 68 7.96 0.54 18.73
CA LEU A 68 7.64 -0.71 19.42
C LEU A 68 8.20 -1.91 18.65
N LEU A 69 9.52 -2.14 18.80
CA LEU A 69 10.24 -3.19 18.11
C LEU A 69 9.75 -4.60 18.44
N ASP A 70 9.26 -4.84 19.67
CA ASP A 70 8.72 -6.15 20.08
C ASP A 70 7.46 -6.44 19.26
N ARG A 71 6.59 -5.43 19.04
CA ARG A 71 5.39 -5.58 18.21
C ARG A 71 5.80 -5.88 16.77
N LEU A 72 6.77 -5.08 16.20
CA LEU A 72 7.29 -5.26 14.84
C LEU A 72 7.74 -6.72 14.62
N LEU A 73 8.37 -7.36 15.66
CA LEU A 73 8.85 -8.73 15.58
C LEU A 73 7.80 -9.72 15.07
N TYR A 74 6.51 -9.40 15.32
CA TYR A 74 5.27 -10.11 14.91
C TYR A 74 4.06 -9.63 15.71
N HIS A 86 18.02 -8.98 23.53
CA HIS A 86 19.16 -8.33 24.16
C HIS A 86 19.40 -6.88 23.70
N LEU A 87 19.03 -6.53 22.43
CA LEU A 87 19.15 -5.19 21.82
C LEU A 87 17.79 -4.56 21.48
N THR A 88 16.73 -5.39 21.50
CA THR A 88 15.35 -4.96 21.26
C THR A 88 14.93 -3.90 22.27
N ARG A 89 15.27 -4.09 23.54
CA ARG A 89 14.91 -3.15 24.57
C ARG A 89 15.56 -1.74 24.43
N GLU A 90 16.88 -1.65 24.20
CA GLU A 90 17.51 -0.34 24.09
C GLU A 90 17.06 0.45 22.85
N CYS A 91 17.00 -0.23 21.69
CA CYS A 91 16.62 0.39 20.44
C CYS A 91 15.14 0.77 20.40
N SER A 92 14.29 0.13 21.22
CA SER A 92 12.86 0.45 21.27
C SER A 92 12.54 1.62 22.23
N HIS A 93 13.56 2.27 22.80
CA HIS A 93 13.35 3.41 23.69
C HIS A 93 14.04 4.69 23.21
N ILE A 94 14.39 4.73 21.94
CA ILE A 94 15.01 5.89 21.32
C ILE A 94 13.91 6.89 20.98
N VAL A 95 14.02 8.12 21.48
CA VAL A 95 13.06 9.18 21.18
C VAL A 95 13.84 10.46 20.94
N THR A 96 13.57 11.14 19.81
CA THR A 96 14.21 12.41 19.44
C THR A 96 13.09 13.45 19.21
N PRO A 97 13.40 14.77 19.11
CA PRO A 97 12.33 15.73 18.81
C PRO A 97 11.77 15.62 17.38
N ASP A 98 12.39 14.81 16.49
CA ASP A 98 11.94 14.63 15.12
C ASP A 98 11.58 13.18 14.82
N LYS A 99 10.33 12.94 14.33
CA LYS A 99 9.78 11.62 14.02
C LYS A 99 10.66 10.85 13.01
N CYS A 100 11.21 11.57 12.01
CA CYS A 100 12.06 10.94 11.00
C CYS A 100 13.42 10.54 11.58
N GLU A 101 13.99 11.40 12.45
CA GLU A 101 15.26 11.09 13.12
C GLU A 101 15.09 9.92 14.10
N THR A 102 13.93 9.86 14.80
CA THR A 102 13.61 8.77 15.73
C THR A 102 13.60 7.42 15.00
N ALA A 103 12.93 7.36 13.81
CA ALA A 103 12.83 6.13 13.02
C ALA A 103 14.19 5.70 12.47
N TYR A 104 14.95 6.69 11.94
CA TYR A 104 16.30 6.44 11.43
C TYR A 104 17.23 5.88 12.53
N GLU A 105 17.30 6.57 13.68
CA GLU A 105 18.14 6.16 14.81
C GLU A 105 17.76 4.77 15.34
N THR A 106 16.46 4.45 15.33
CA THR A 106 15.98 3.13 15.80
C THR A 106 16.52 2.03 14.86
N VAL A 107 16.40 2.22 13.52
CA VAL A 107 16.88 1.27 12.51
C VAL A 107 18.41 1.10 12.61
N LYS A 108 19.15 2.21 12.74
CA LYS A 108 20.61 2.21 12.92
C LYS A 108 21.03 1.37 14.12
N CYS A 109 20.29 1.52 15.24
CA CYS A 109 20.51 0.80 16.48
C CYS A 109 20.21 -0.71 16.33
N TYR A 110 19.00 -1.03 15.82
CA TYR A 110 18.47 -2.38 15.71
C TYR A 110 18.95 -3.24 14.53
N PHE A 111 18.95 -2.68 13.32
CA PHE A 111 19.40 -3.38 12.12
C PHE A 111 20.84 -2.97 11.78
N ASN A 112 21.76 -3.31 12.70
CA ASN A 112 23.19 -2.98 12.59
C ASN A 112 23.95 -3.87 11.58
N ALA A 113 23.48 -5.12 11.37
CA ALA A 113 24.10 -6.06 10.43
C ALA A 113 23.68 -5.75 8.99
N HIS A 114 24.65 -5.76 8.06
CA HIS A 114 24.46 -5.48 6.64
C HIS A 114 23.40 -6.37 5.97
N ASP A 115 23.42 -7.68 6.32
CA ASP A 115 22.52 -8.72 5.81
C ASP A 115 21.04 -8.41 6.09
N GLU A 116 20.73 -7.89 7.29
CA GLU A 116 19.34 -7.55 7.64
C GLU A 116 18.83 -6.37 6.84
N VAL A 117 19.64 -5.30 6.72
CA VAL A 117 19.27 -4.12 5.92
C VAL A 117 18.98 -4.56 4.46
N ILE A 118 19.89 -5.36 3.86
CA ILE A 118 19.77 -5.85 2.48
C ILE A 118 18.45 -6.64 2.25
N LYS A 119 18.11 -7.56 3.16
CA LYS A 119 16.89 -8.38 3.09
C LYS A 119 15.63 -7.51 3.05
N PHE A 120 15.51 -6.51 3.96
CA PHE A 120 14.39 -5.57 3.99
C PHE A 120 14.42 -4.67 2.76
N CYS A 121 15.64 -4.29 2.33
CA CYS A 121 15.87 -3.46 1.14
C CYS A 121 15.27 -4.16 -0.09
N HIS A 122 15.60 -5.45 -0.31
CA HIS A 122 15.11 -6.25 -1.43
C HIS A 122 13.58 -6.42 -1.40
N LEU A 123 13.03 -6.77 -0.23
CA LEU A 123 11.59 -7.01 -0.03
C LEU A 123 10.72 -5.81 -0.38
N LEU A 124 11.13 -4.62 0.07
CA LEU A 124 10.40 -3.38 -0.11
C LEU A 124 10.71 -2.70 -1.46
N VAL A 125 12.00 -2.60 -1.77
CA VAL A 125 12.47 -1.78 -2.88
C VAL A 125 12.56 -2.44 -4.28
N LEU A 126 12.90 -3.73 -4.42
CA LEU A 126 12.98 -4.33 -5.76
C LEU A 126 11.62 -4.87 -6.21
N GLU A 127 11.51 -5.21 -7.53
CA GLU A 127 10.30 -5.76 -8.13
C GLU A 127 9.97 -7.16 -7.55
N ASP B 8 -14.30 -7.62 8.86
CA ASP B 8 -12.97 -7.57 8.24
C ASP B 8 -12.00 -6.74 9.08
N ARG B 9 -10.80 -6.81 8.66
CA ARG B 9 -9.86 -6.08 7.89
C ARG B 9 -9.06 -6.63 6.70
N TYR B 10 -9.65 -6.32 5.53
CA TYR B 10 -9.08 -6.24 4.20
C TYR B 10 -9.02 -4.70 4.22
N LYS B 11 -9.44 -4.09 5.37
CA LYS B 11 -9.51 -2.66 5.66
C LYS B 11 -8.21 -1.91 5.53
N LYS B 12 -7.16 -2.34 6.27
CA LYS B 12 -5.82 -1.76 6.13
C LYS B 12 -5.34 -1.96 4.68
N PRO B 13 -5.34 -3.19 4.07
CA PRO B 13 -4.96 -3.32 2.65
C PRO B 13 -5.81 -2.49 1.67
N ALA B 14 -7.16 -2.45 1.85
CA ALA B 14 -8.07 -1.67 0.99
C ALA B 14 -7.78 -0.17 1.01
N LYS B 15 -7.46 0.39 2.20
CA LYS B 15 -7.14 1.81 2.35
C LYS B 15 -5.84 2.19 1.66
N MET B 16 -4.87 1.24 1.65
CA MET B 16 -3.58 1.41 0.99
C MET B 16 -3.81 1.43 -0.52
N LEU B 17 -4.63 0.50 -1.00
CA LEU B 17 -5.03 0.34 -2.39
C LEU B 17 -5.74 1.61 -2.86
N HIS B 18 -6.67 2.16 -2.02
CA HIS B 18 -7.39 3.40 -2.30
C HIS B 18 -6.43 4.58 -2.51
N GLU B 19 -5.46 4.77 -1.59
CA GLU B 19 -4.48 5.87 -1.65
C GLU B 19 -3.56 5.80 -2.86
N ILE B 20 -3.10 4.59 -3.24
CA ILE B 20 -2.27 4.38 -4.42
C ILE B 20 -3.09 4.67 -5.69
N CYS B 21 -4.30 4.12 -5.76
CA CYS B 21 -5.15 4.31 -6.92
C CYS B 21 -5.71 5.67 -7.17
N ILE B 22 -5.89 6.49 -6.10
CA ILE B 22 -6.28 7.90 -6.23
C ILE B 22 -5.14 8.63 -6.95
N ALA B 23 -3.89 8.40 -6.51
CA ALA B 23 -2.68 8.99 -7.06
C ALA B 23 -2.46 8.61 -8.54
N GLU B 24 -2.61 7.32 -8.88
CA GLU B 24 -2.43 6.82 -10.25
C GLU B 24 -3.52 7.29 -11.23
N SER B 25 -4.79 7.24 -10.82
CA SER B 25 -5.92 7.59 -11.67
C SER B 25 -6.15 9.08 -11.81
N GLY B 26 -5.76 9.84 -10.79
CA GLY B 26 -6.01 11.28 -10.76
C GLY B 26 -7.44 11.58 -10.34
N ALA B 27 -8.15 10.59 -9.78
CA ALA B 27 -9.52 10.77 -9.32
C ALA B 27 -9.55 11.56 -8.02
N SER B 28 -10.58 12.39 -7.82
CA SER B 28 -10.74 13.14 -6.58
C SER B 28 -11.60 12.34 -5.60
N GLU B 29 -11.51 12.66 -4.29
CA GLU B 29 -12.34 12.00 -3.27
C GLU B 29 -13.83 12.25 -3.57
N GLU B 30 -14.19 13.46 -4.03
CA GLU B 30 -15.55 13.84 -4.41
C GLU B 30 -16.11 12.97 -5.54
N GLN B 31 -15.27 12.66 -6.56
CA GLN B 31 -15.67 11.84 -7.69
C GLN B 31 -15.96 10.40 -7.27
N LEU B 32 -15.15 9.88 -6.35
CA LEU B 32 -15.30 8.50 -5.84
C LEU B 32 -16.44 8.39 -4.83
N ARG B 33 -16.62 9.43 -4.00
CA ARG B 33 -17.65 9.55 -2.97
C ARG B 33 -19.09 9.44 -3.45
N THR B 34 -19.28 9.45 -4.79
CA THR B 34 -20.59 9.26 -5.42
C THR B 34 -21.08 7.83 -5.11
N CYS B 35 -20.15 6.92 -4.78
CA CYS B 35 -20.46 5.51 -4.43
C CYS B 35 -21.27 5.34 -3.14
N LEU B 36 -21.27 6.37 -2.27
CA LEU B 36 -21.95 6.31 -0.95
C LEU B 36 -23.46 6.00 -0.98
N ASP B 37 -24.11 6.28 -2.12
CA ASP B 37 -25.55 6.00 -2.32
C ASP B 37 -25.76 4.75 -3.21
N GLY B 38 -24.66 4.07 -3.52
CA GLY B 38 -24.67 2.86 -4.35
C GLY B 38 -24.40 3.07 -5.82
N THR B 39 -24.14 4.33 -6.25
CA THR B 39 -23.87 4.62 -7.65
C THR B 39 -22.42 4.26 -7.99
N VAL B 40 -22.21 3.55 -9.11
CA VAL B 40 -20.84 3.27 -9.54
C VAL B 40 -20.30 4.60 -10.12
N PRO B 41 -19.16 5.13 -9.60
CA PRO B 41 -18.64 6.41 -10.10
C PRO B 41 -18.43 6.43 -11.61
N THR B 42 -18.82 7.54 -12.28
CA THR B 42 -18.80 7.67 -13.74
C THR B 42 -17.76 8.65 -14.31
N ALA B 43 -17.12 9.47 -13.48
CA ALA B 43 -16.08 10.39 -13.96
C ALA B 43 -14.96 9.58 -14.64
N PRO B 44 -14.39 10.07 -15.77
CA PRO B 44 -13.31 9.33 -16.45
C PRO B 44 -12.19 8.90 -15.51
N ALA B 45 -11.74 9.81 -14.60
CA ALA B 45 -10.69 9.49 -13.61
C ALA B 45 -11.15 8.38 -12.63
N ALA B 46 -12.44 8.39 -12.25
CA ALA B 46 -13.00 7.40 -11.32
C ALA B 46 -13.06 6.00 -11.98
N LYS B 47 -13.38 5.93 -13.29
CA LYS B 47 -13.40 4.66 -14.02
C LYS B 47 -11.98 4.08 -14.03
N CYS B 48 -10.98 4.95 -14.22
CA CYS B 48 -9.56 4.55 -14.21
C CYS B 48 -9.11 4.11 -12.84
N TYR B 49 -9.70 4.69 -11.76
CA TYR B 49 -9.41 4.27 -10.37
C TYR B 49 -9.82 2.80 -10.21
N ILE B 50 -10.98 2.42 -10.77
CA ILE B 50 -11.48 1.04 -10.72
C ILE B 50 -10.50 0.11 -11.43
N HIS B 51 -10.03 0.50 -12.64
CA HIS B 51 -9.05 -0.31 -13.38
C HIS B 51 -7.81 -0.48 -12.53
N CYS B 52 -7.34 0.61 -11.90
CA CYS B 52 -6.16 0.59 -11.02
C CYS B 52 -6.33 -0.44 -9.90
N LEU B 53 -7.50 -0.51 -9.24
CA LEU B 53 -7.78 -1.51 -8.19
C LEU B 53 -7.60 -2.94 -8.72
N PHE B 54 -8.21 -3.25 -9.87
CA PHE B 54 -8.13 -4.57 -10.48
C PHE B 54 -6.69 -4.92 -10.88
N ASP B 55 -5.96 -3.95 -11.44
CA ASP B 55 -4.56 -4.14 -11.81
C ASP B 55 -3.69 -4.40 -10.58
N LYS B 56 -3.86 -3.63 -9.48
CA LYS B 56 -3.05 -3.81 -8.27
C LYS B 56 -3.25 -5.18 -7.59
N ILE B 57 -4.50 -5.69 -7.60
CA ILE B 57 -4.80 -7.00 -6.99
C ILE B 57 -4.59 -8.16 -7.98
N ASP B 58 -4.10 -7.83 -9.19
CA ASP B 58 -3.70 -8.75 -10.26
C ASP B 58 -4.85 -9.61 -10.84
N VAL B 59 -6.04 -9.00 -11.03
CA VAL B 59 -7.22 -9.68 -11.60
C VAL B 59 -7.53 -9.25 -13.04
N VAL B 60 -6.61 -8.51 -13.68
CA VAL B 60 -6.77 -8.12 -15.08
C VAL B 60 -6.06 -9.19 -15.89
N ASP B 61 -6.80 -9.91 -16.75
CA ASP B 61 -6.23 -10.97 -17.58
C ASP B 61 -5.20 -10.39 -18.54
N GLU B 62 -3.97 -10.92 -18.50
CA GLU B 62 -2.86 -10.45 -19.35
C GLU B 62 -3.19 -10.61 -20.83
N ALA B 63 -3.65 -11.81 -21.24
CA ALA B 63 -3.97 -12.17 -22.62
C ALA B 63 -5.12 -11.41 -23.28
N THR B 64 -6.23 -11.20 -22.55
CA THR B 64 -7.44 -10.59 -23.12
C THR B 64 -7.85 -9.20 -22.59
N GLY B 65 -7.45 -8.88 -21.37
CA GLY B 65 -7.84 -7.63 -20.72
C GLY B 65 -9.15 -7.77 -19.96
N ARG B 66 -9.76 -8.98 -19.97
CA ARG B 66 -11.00 -9.18 -19.24
C ARG B 66 -10.71 -9.22 -17.71
N ILE B 67 -11.74 -8.96 -16.91
CA ILE B 67 -11.57 -8.98 -15.45
C ILE B 67 -11.87 -10.39 -14.97
N LEU B 68 -10.92 -10.99 -14.27
CA LEU B 68 -11.04 -12.35 -13.74
C LEU B 68 -11.82 -12.31 -12.44
N LEU B 69 -13.16 -12.26 -12.57
CA LEU B 69 -14.06 -12.14 -11.42
C LEU B 69 -14.01 -13.30 -10.45
N ASP B 70 -13.75 -14.53 -10.94
CA ASP B 70 -13.62 -15.69 -10.07
C ASP B 70 -12.36 -15.50 -9.21
N ARG B 71 -11.30 -14.91 -9.80
CA ARG B 71 -10.07 -14.63 -9.04
C ARG B 71 -10.25 -13.52 -8.01
N LEU B 72 -11.12 -12.53 -8.34
CA LEU B 72 -11.46 -11.45 -7.43
C LEU B 72 -12.17 -12.06 -6.21
N LEU B 73 -13.05 -13.06 -6.44
CA LEU B 73 -13.77 -13.78 -5.38
C LEU B 73 -12.84 -14.56 -4.44
N TYR B 74 -11.62 -14.93 -4.90
CA TYR B 74 -10.63 -15.61 -4.05
C TYR B 74 -10.09 -14.59 -3.03
N ILE B 75 -10.02 -13.30 -3.42
CA ILE B 75 -9.55 -12.18 -2.60
C ILE B 75 -10.64 -11.67 -1.65
N ILE B 76 -11.83 -11.28 -2.20
CA ILE B 76 -12.98 -10.73 -1.46
C ILE B 76 -12.65 -9.50 -0.62
N GLU B 90 -20.62 -14.14 -17.34
CA GLU B 90 -20.81 -13.13 -18.40
C GLU B 90 -20.07 -11.82 -18.14
N CYS B 91 -20.07 -11.35 -16.88
CA CYS B 91 -19.41 -10.12 -16.49
C CYS B 91 -17.87 -10.24 -16.56
N SER B 92 -17.32 -11.48 -16.52
CA SER B 92 -15.87 -11.70 -16.61
C SER B 92 -15.38 -11.80 -18.07
N HIS B 93 -16.28 -11.60 -19.06
CA HIS B 93 -15.91 -11.61 -20.48
C HIS B 93 -16.20 -10.27 -21.19
N ILE B 94 -16.37 -9.21 -20.39
CA ILE B 94 -16.56 -7.84 -20.88
C ILE B 94 -15.19 -7.28 -21.23
N VAL B 95 -15.01 -6.91 -22.48
CA VAL B 95 -13.77 -6.31 -22.98
C VAL B 95 -14.19 -5.12 -23.85
N THR B 96 -13.55 -3.98 -23.66
CA THR B 96 -13.78 -2.75 -24.44
C THR B 96 -12.42 -2.25 -24.95
N PRO B 97 -12.39 -1.26 -25.88
CA PRO B 97 -11.09 -0.71 -26.33
C PRO B 97 -10.33 0.09 -25.26
N ASP B 98 -10.97 0.38 -24.11
CA ASP B 98 -10.36 1.19 -23.06
C ASP B 98 -10.38 0.45 -21.70
N LYS B 99 -9.20 0.34 -21.05
CA LYS B 99 -9.00 -0.36 -19.76
C LYS B 99 -9.92 0.19 -18.65
N CYS B 100 -10.11 1.52 -18.61
CA CYS B 100 -10.97 2.14 -17.61
C CYS B 100 -12.43 1.84 -17.87
N GLU B 101 -12.85 1.85 -19.16
CA GLU B 101 -14.23 1.54 -19.52
C GLU B 101 -14.52 0.05 -19.26
N THR B 102 -13.53 -0.82 -19.50
CA THR B 102 -13.65 -2.29 -19.24
C THR B 102 -13.94 -2.54 -17.76
N ALA B 103 -13.15 -1.89 -16.88
CA ALA B 103 -13.29 -2.03 -15.42
C ALA B 103 -14.66 -1.50 -14.98
N TYR B 104 -15.04 -0.30 -15.43
CA TYR B 104 -16.34 0.30 -15.11
C TYR B 104 -17.50 -0.62 -15.53
N GLU B 105 -17.52 -1.06 -16.80
CA GLU B 105 -18.60 -1.92 -17.34
C GLU B 105 -18.68 -3.25 -16.61
N THR B 106 -17.52 -3.79 -16.15
CA THR B 106 -17.49 -5.05 -15.40
C THR B 106 -18.20 -4.88 -14.06
N VAL B 107 -17.89 -3.79 -13.32
CA VAL B 107 -18.48 -3.46 -12.02
C VAL B 107 -20.01 -3.23 -12.17
N LYS B 108 -20.41 -2.47 -13.20
CA LYS B 108 -21.82 -2.22 -13.54
C LYS B 108 -22.59 -3.53 -13.78
N CYS B 109 -21.97 -4.48 -14.48
CA CYS B 109 -22.53 -5.81 -14.78
C CYS B 109 -22.65 -6.67 -13.51
N TYR B 110 -21.54 -6.77 -12.78
CA TYR B 110 -21.36 -7.62 -11.62
C TYR B 110 -21.93 -7.17 -10.28
N PHE B 111 -21.70 -5.92 -9.93
CA PHE B 111 -22.19 -5.35 -8.69
C PHE B 111 -23.41 -4.49 -9.03
N ASN B 112 -24.49 -5.14 -9.51
CA ASN B 112 -25.74 -4.47 -9.91
C ASN B 112 -26.61 -4.02 -8.73
N ALA B 113 -26.51 -4.72 -7.59
CA ALA B 113 -27.24 -4.42 -6.37
C ALA B 113 -26.59 -3.24 -5.63
N HIS B 114 -27.41 -2.27 -5.19
CA HIS B 114 -26.96 -1.07 -4.46
C HIS B 114 -26.15 -1.40 -3.20
N ASP B 115 -26.58 -2.45 -2.46
CA ASP B 115 -25.95 -2.95 -1.22
C ASP B 115 -24.48 -3.38 -1.44
N GLU B 116 -24.22 -4.02 -2.60
CA GLU B 116 -22.88 -4.52 -2.98
C GLU B 116 -21.93 -3.35 -3.20
N VAL B 117 -22.36 -2.33 -4.00
CA VAL B 117 -21.57 -1.13 -4.29
C VAL B 117 -21.23 -0.39 -2.99
N ILE B 118 -22.26 -0.16 -2.11
CA ILE B 118 -22.11 0.54 -0.84
C ILE B 118 -21.06 -0.12 0.07
N LYS B 119 -21.09 -1.45 0.22
CA LYS B 119 -20.15 -2.21 1.04
C LYS B 119 -18.68 -1.99 0.58
N PHE B 120 -18.42 -2.08 -0.76
CA PHE B 120 -17.07 -1.86 -1.31
C PHE B 120 -16.72 -0.39 -1.21
N CYS B 121 -17.73 0.50 -1.38
CA CYS B 121 -17.54 1.94 -1.25
C CYS B 121 -17.01 2.29 0.16
N HIS B 122 -17.68 1.76 1.22
CA HIS B 122 -17.29 1.98 2.62
C HIS B 122 -15.88 1.47 2.89
N LEU B 123 -15.58 0.25 2.43
CA LEU B 123 -14.27 -0.40 2.58
C LEU B 123 -13.13 0.43 2.01
N LEU B 124 -13.30 0.96 0.79
CA LEU B 124 -12.27 1.72 0.13
C LEU B 124 -12.18 3.18 0.51
N VAL B 125 -13.33 3.87 0.49
CA VAL B 125 -13.45 5.33 0.62
C VAL B 125 -13.46 5.94 2.03
N LEU B 126 -14.14 5.27 3.00
CA LEU B 126 -14.21 5.77 4.37
C LEU B 126 -12.99 5.40 5.22
N GLU B 127 -12.80 6.12 6.33
CA GLU B 127 -11.73 5.85 7.29
C GLU B 127 -12.01 4.55 8.09
N ARG C 9 -12.17 -41.35 -16.60
CA ARG C 9 -11.90 -41.56 -15.18
C ARG C 9 -10.50 -42.15 -15.01
N TYR C 10 -9.54 -41.42 -14.38
CA TYR C 10 -9.69 -40.08 -13.81
C TYR C 10 -9.39 -39.00 -14.86
N LYS C 11 -8.99 -39.44 -16.06
CA LYS C 11 -8.58 -38.60 -17.18
C LYS C 11 -9.63 -37.60 -17.67
N LYS C 12 -10.86 -38.08 -18.00
CA LYS C 12 -11.95 -37.22 -18.47
C LYS C 12 -12.31 -36.13 -17.43
N PRO C 13 -12.62 -36.47 -16.14
CA PRO C 13 -12.92 -35.40 -15.16
C PRO C 13 -11.79 -34.40 -14.95
N ALA C 14 -10.52 -34.90 -14.87
CA ALA C 14 -9.32 -34.08 -14.69
C ALA C 14 -9.14 -33.08 -15.84
N LYS C 15 -9.39 -33.52 -17.09
CA LYS C 15 -9.27 -32.66 -18.28
C LYS C 15 -10.28 -31.53 -18.32
N MET C 16 -11.47 -31.81 -17.80
CA MET C 16 -12.56 -30.85 -17.65
C MET C 16 -12.17 -29.84 -16.56
N LEU C 17 -11.65 -30.33 -15.42
CA LEU C 17 -11.19 -29.48 -14.31
C LEU C 17 -10.06 -28.56 -14.77
N HIS C 18 -9.13 -29.08 -15.61
CA HIS C 18 -8.04 -28.28 -16.16
C HIS C 18 -8.58 -27.11 -17.00
N GLU C 19 -9.51 -27.40 -17.94
CA GLU C 19 -10.11 -26.39 -18.84
C GLU C 19 -10.90 -25.30 -18.10
N ILE C 20 -11.67 -25.68 -17.08
CA ILE C 20 -12.42 -24.72 -16.24
C ILE C 20 -11.44 -23.86 -15.45
N CYS C 21 -10.43 -24.52 -14.84
CA CYS C 21 -9.46 -23.81 -14.03
C CYS C 21 -8.49 -22.89 -14.73
N ILE C 22 -8.17 -23.18 -16.00
CA ILE C 22 -7.38 -22.29 -16.85
C ILE C 22 -8.18 -20.98 -17.04
N ALA C 23 -9.47 -21.12 -17.40
CA ALA C 23 -10.39 -20.02 -17.65
C ALA C 23 -10.59 -19.13 -16.42
N GLU C 24 -10.85 -19.74 -15.25
CA GLU C 24 -11.04 -19.01 -13.99
C GLU C 24 -9.79 -18.30 -13.47
N SER C 25 -8.64 -18.98 -13.53
CA SER C 25 -7.39 -18.46 -13.00
C SER C 25 -6.66 -17.49 -13.90
N GLY C 26 -6.91 -17.59 -15.20
CA GLY C 26 -6.23 -16.77 -16.19
C GLY C 26 -4.82 -17.27 -16.43
N ALA C 27 -4.51 -18.53 -16.00
CA ALA C 27 -3.17 -19.09 -16.24
C ALA C 27 -3.05 -19.53 -17.70
N SER C 28 -1.85 -19.45 -18.27
CA SER C 28 -1.62 -19.90 -19.64
C SER C 28 -1.16 -21.37 -19.62
N GLU C 29 -1.32 -22.10 -20.76
CA GLU C 29 -0.85 -23.49 -20.85
C GLU C 29 0.68 -23.53 -20.67
N GLU C 30 1.40 -22.51 -21.17
CA GLU C 30 2.85 -22.37 -21.03
C GLU C 30 3.28 -22.28 -19.54
N GLN C 31 2.54 -21.52 -18.72
CA GLN C 31 2.80 -21.33 -17.30
C GLN C 31 2.64 -22.64 -16.54
N LEU C 32 1.63 -23.43 -16.91
CA LEU C 32 1.34 -24.72 -16.28
C LEU C 32 2.27 -25.84 -16.74
N ARG C 33 2.59 -25.93 -18.05
CA ARG C 33 3.44 -26.96 -18.65
C ARG C 33 4.86 -27.08 -18.09
N THR C 34 5.23 -26.12 -17.20
CA THR C 34 6.52 -26.13 -16.49
C THR C 34 6.58 -27.36 -15.59
N CYS C 35 5.40 -27.95 -15.29
CA CYS C 35 5.23 -29.16 -14.46
C CYS C 35 5.76 -30.42 -15.13
N LEU C 36 5.96 -30.39 -16.48
CA LEU C 36 6.41 -31.56 -17.25
C LEU C 36 7.76 -32.16 -16.82
N ASP C 37 8.62 -31.35 -16.17
CA ASP C 37 9.91 -31.80 -15.64
C ASP C 37 9.85 -31.97 -14.08
N GLY C 38 8.65 -31.84 -13.51
CA GLY C 38 8.43 -31.97 -12.07
C GLY C 38 8.41 -30.67 -11.29
N THR C 39 8.55 -29.51 -11.96
CA THR C 39 8.56 -28.20 -11.31
C THR C 39 7.11 -27.76 -10.95
N VAL C 40 6.85 -27.37 -9.66
CA VAL C 40 5.53 -26.83 -9.25
C VAL C 40 5.46 -25.41 -9.85
N PRO C 41 4.46 -25.12 -10.72
CA PRO C 41 4.38 -23.79 -11.36
C PRO C 41 4.33 -22.64 -10.35
N THR C 42 5.09 -21.56 -10.63
CA THR C 42 5.26 -20.42 -9.71
C THR C 42 4.57 -19.12 -10.11
N ALA C 43 4.14 -18.99 -11.37
CA ALA C 43 3.46 -17.79 -11.85
C ALA C 43 2.22 -17.51 -10.97
N PRO C 44 1.94 -16.23 -10.63
CA PRO C 44 0.76 -15.94 -9.79
C PRO C 44 -0.54 -16.56 -10.31
N ALA C 45 -0.78 -16.52 -11.64
CA ALA C 45 -1.99 -17.12 -12.23
C ALA C 45 -1.98 -18.66 -12.10
N ALA C 46 -0.78 -19.29 -12.13
CA ALA C 46 -0.62 -20.76 -11.98
C ALA C 46 -0.89 -21.19 -10.54
N LYS C 47 -0.48 -20.37 -9.52
CA LYS C 47 -0.77 -20.66 -8.11
C LYS C 47 -2.30 -20.63 -7.90
N CYS C 48 -2.97 -19.65 -8.56
CA CYS C 48 -4.45 -19.55 -8.49
C CYS C 48 -5.13 -20.71 -9.18
N TYR C 49 -4.51 -21.27 -10.25
CA TYR C 49 -5.03 -22.46 -10.95
C TYR C 49 -5.08 -23.64 -9.96
N ILE C 50 -4.02 -23.79 -9.14
CA ILE C 50 -3.95 -24.86 -8.11
C ILE C 50 -5.09 -24.67 -7.11
N HIS C 51 -5.31 -23.41 -6.62
CA HIS C 51 -6.42 -23.13 -5.69
C HIS C 51 -7.73 -23.51 -6.34
N CYS C 52 -7.92 -23.11 -7.62
CA CYS C 52 -9.14 -23.44 -8.40
C CYS C 52 -9.40 -24.96 -8.37
N LEU C 53 -8.36 -25.79 -8.62
CA LEU C 53 -8.49 -27.26 -8.58
C LEU C 53 -9.03 -27.74 -7.23
N PHE C 54 -8.39 -27.28 -6.11
CA PHE C 54 -8.80 -27.66 -4.76
C PHE C 54 -10.23 -27.24 -4.44
N ASP C 55 -10.61 -26.02 -4.85
CA ASP C 55 -11.96 -25.50 -4.68
C ASP C 55 -12.98 -26.35 -5.45
N LYS C 56 -12.70 -26.69 -6.73
CA LYS C 56 -13.65 -27.45 -7.57
C LYS C 56 -13.89 -28.87 -7.06
N ILE C 57 -12.85 -29.50 -6.51
CA ILE C 57 -12.97 -30.86 -5.98
C ILE C 57 -13.43 -30.89 -4.52
N ASP C 58 -13.68 -29.70 -3.95
CA ASP C 58 -14.18 -29.44 -2.60
C ASP C 58 -13.25 -29.91 -1.45
N VAL C 59 -11.94 -29.68 -1.58
CA VAL C 59 -10.95 -30.05 -0.55
C VAL C 59 -10.40 -28.83 0.21
N VAL C 60 -11.05 -27.66 0.04
CA VAL C 60 -10.65 -26.46 0.77
C VAL C 60 -11.55 -26.42 2.02
N ASP C 61 -10.95 -26.48 3.22
CA ASP C 61 -11.69 -26.43 4.48
C ASP C 61 -12.44 -25.10 4.60
N GLU C 62 -13.75 -25.16 4.81
CA GLU C 62 -14.61 -23.98 4.93
C GLU C 62 -14.20 -23.07 6.07
N ALA C 63 -14.01 -23.64 7.26
CA ALA C 63 -13.66 -22.93 8.49
C ALA C 63 -12.31 -22.22 8.51
N THR C 64 -11.24 -22.88 8.02
CA THR C 64 -9.87 -22.35 8.06
C THR C 64 -9.22 -21.97 6.73
N GLY C 65 -9.62 -22.62 5.65
CA GLY C 65 -8.98 -22.38 4.37
C GLY C 65 -7.84 -23.38 4.15
N ARG C 66 -7.58 -24.28 5.12
CA ARG C 66 -6.52 -25.28 4.95
C ARG C 66 -6.93 -26.34 3.88
N ILE C 67 -5.94 -27.02 3.29
CA ILE C 67 -6.25 -28.01 2.23
C ILE C 67 -6.37 -29.39 2.88
N LEU C 68 -7.51 -30.05 2.68
CA LEU C 68 -7.80 -31.36 3.25
C LEU C 68 -7.17 -32.44 2.40
N LEU C 69 -5.86 -32.64 2.58
CA LEU C 69 -5.04 -33.56 1.78
C LEU C 69 -5.50 -35.01 1.80
N ASP C 70 -6.01 -35.49 2.98
CA ASP C 70 -6.53 -36.86 3.07
C ASP C 70 -7.76 -37.00 2.18
N ARG C 71 -8.61 -35.94 2.10
CA ARG C 71 -9.78 -35.97 1.21
C ARG C 71 -9.33 -35.97 -0.24
N LEU C 72 -8.21 -35.25 -0.55
CA LEU C 72 -7.64 -35.18 -1.90
C LEU C 72 -7.26 -36.61 -2.33
N LEU C 73 -6.62 -37.36 -1.41
CA LEU C 73 -6.20 -38.74 -1.63
C LEU C 73 -7.36 -39.71 -1.89
N TYR C 74 -8.59 -39.38 -1.42
CA TYR C 74 -9.78 -40.23 -1.69
C TYR C 74 -10.16 -40.09 -3.16
N ILE C 75 -9.96 -38.89 -3.72
CA ILE C 75 -10.28 -38.54 -5.10
C ILE C 75 -9.18 -38.98 -6.05
N ILE C 76 -7.96 -38.58 -5.75
CA ILE C 76 -6.79 -38.81 -6.59
C ILE C 76 -6.16 -40.18 -6.44
N HIS C 86 3.67 -39.49 6.16
CA HIS C 86 4.05 -38.80 7.39
C HIS C 86 3.83 -37.28 7.29
N LEU C 87 3.86 -36.74 6.06
CA LEU C 87 3.74 -35.31 5.82
C LEU C 87 2.32 -34.80 5.63
N THR C 88 1.33 -35.70 5.59
CA THR C 88 -0.08 -35.35 5.40
C THR C 88 -0.59 -34.36 6.45
N ARG C 89 -0.26 -34.59 7.74
CA ARG C 89 -0.74 -33.72 8.81
C ARG C 89 -0.18 -32.29 8.74
N GLU C 90 1.12 -32.12 8.57
CA GLU C 90 1.68 -30.78 8.52
C GLU C 90 1.25 -29.97 7.30
N CYS C 91 1.28 -30.60 6.13
CA CYS C 91 0.93 -29.96 4.86
C CYS C 91 -0.54 -29.63 4.75
N SER C 92 -1.41 -30.35 5.50
CA SER C 92 -2.84 -30.09 5.51
C SER C 92 -3.23 -29.00 6.52
N HIS C 93 -2.26 -28.35 7.19
CA HIS C 93 -2.58 -27.26 8.12
C HIS C 93 -1.90 -25.94 7.73
N ILE C 94 -1.48 -25.82 6.47
CA ILE C 94 -0.87 -24.60 5.93
C ILE C 94 -1.94 -23.60 5.60
N VAL C 95 -1.86 -22.39 6.19
CA VAL C 95 -2.83 -21.32 5.89
C VAL C 95 -2.05 -20.03 5.72
N THR C 96 -2.30 -19.29 4.64
CA THR C 96 -1.66 -18.00 4.36
C THR C 96 -2.78 -16.98 4.12
N PRO C 97 -2.48 -15.64 4.08
CA PRO C 97 -3.54 -14.66 3.79
C PRO C 97 -4.07 -14.70 2.36
N ASP C 98 -3.41 -15.46 1.46
CA ASP C 98 -3.80 -15.57 0.06
C ASP C 98 -4.13 -17.02 -0.33
N LYS C 99 -5.36 -17.26 -0.83
CA LYS C 99 -5.86 -18.58 -1.24
C LYS C 99 -4.94 -19.27 -2.27
N CYS C 100 -4.40 -18.49 -3.22
CA CYS C 100 -3.49 -19.04 -4.22
C CYS C 100 -2.14 -19.45 -3.60
N GLU C 101 -1.60 -18.64 -2.67
CA GLU C 101 -0.35 -18.95 -1.98
C GLU C 101 -0.54 -20.17 -1.07
N THR C 102 -1.73 -20.29 -0.44
CA THR C 102 -2.06 -21.44 0.44
C THR C 102 -1.99 -22.74 -0.37
N ALA C 103 -2.61 -22.74 -1.56
CA ALA C 103 -2.65 -23.90 -2.44
C ALA C 103 -1.23 -24.26 -2.92
N TYR C 104 -0.46 -23.25 -3.39
CA TYR C 104 0.92 -23.44 -3.84
C TYR C 104 1.81 -24.03 -2.72
N GLU C 105 1.81 -23.40 -1.54
CA GLU C 105 2.62 -23.84 -0.40
C GLU C 105 2.26 -25.25 0.05
N THR C 106 0.96 -25.63 -0.06
CA THR C 106 0.50 -26.97 0.31
C THR C 106 1.13 -28.01 -0.64
N VAL C 107 1.07 -27.76 -1.96
CA VAL C 107 1.62 -28.63 -3.00
C VAL C 107 3.16 -28.77 -2.83
N LYS C 108 3.84 -27.65 -2.61
CA LYS C 108 5.30 -27.61 -2.37
C LYS C 108 5.69 -28.49 -1.16
N CYS C 109 4.89 -28.41 -0.08
CA CYS C 109 5.07 -29.16 1.16
C CYS C 109 4.85 -30.67 0.93
N TYR C 110 3.71 -31.02 0.34
CA TYR C 110 3.24 -32.39 0.15
C TYR C 110 3.79 -33.16 -1.03
N PHE C 111 3.81 -32.54 -2.22
CA PHE C 111 4.32 -33.20 -3.43
C PHE C 111 5.76 -32.74 -3.67
N ASN C 112 6.66 -33.08 -2.74
CA ASN C 112 8.08 -32.72 -2.78
C ASN C 112 8.89 -33.56 -3.80
N ALA C 113 8.46 -34.80 -4.09
CA ALA C 113 9.10 -35.70 -5.05
C ALA C 113 8.70 -35.32 -6.49
N HIS C 114 9.70 -35.27 -7.40
CA HIS C 114 9.51 -34.92 -8.82
C HIS C 114 8.50 -35.83 -9.53
N ASP C 115 8.53 -37.15 -9.24
CA ASP C 115 7.63 -38.17 -9.80
C ASP C 115 6.16 -37.90 -9.51
N GLU C 116 5.86 -37.39 -8.29
CA GLU C 116 4.51 -37.05 -7.83
C GLU C 116 3.94 -35.90 -8.67
N VAL C 117 4.72 -34.80 -8.82
CA VAL C 117 4.34 -33.62 -9.58
C VAL C 117 4.06 -34.01 -11.05
N ILE C 118 4.98 -34.79 -11.67
CA ILE C 118 4.87 -35.26 -13.06
C ILE C 118 3.58 -36.03 -13.33
N LYS C 119 3.23 -36.98 -12.45
CA LYS C 119 2.02 -37.79 -12.58
C LYS C 119 0.74 -36.93 -12.63
N PHE C 120 0.62 -35.95 -11.70
CA PHE C 120 -0.52 -35.03 -11.67
C PHE C 120 -0.46 -34.07 -12.84
N CYS C 121 0.76 -33.67 -13.25
CA CYS C 121 1.00 -32.82 -14.41
C CYS C 121 0.43 -33.47 -15.68
N HIS C 122 0.77 -34.76 -15.92
CA HIS C 122 0.29 -35.52 -17.09
C HIS C 122 -1.23 -35.63 -17.10
N LEU C 123 -1.81 -35.96 -15.94
CA LEU C 123 -3.24 -36.11 -15.75
C LEU C 123 -4.01 -34.85 -16.15
N LEU C 124 -3.54 -33.70 -15.69
CA LEU C 124 -4.20 -32.42 -15.93
C LEU C 124 -3.90 -31.77 -17.26
N VAL C 125 -2.61 -31.60 -17.57
CA VAL C 125 -2.11 -30.82 -18.70
C VAL C 125 -2.15 -31.48 -20.10
N LEU C 126 -1.77 -32.77 -20.19
CA LEU C 126 -1.77 -33.40 -21.51
C LEU C 126 -3.08 -34.01 -21.97
N GLU C 127 -3.21 -34.29 -23.28
CA GLU C 127 -4.41 -34.87 -23.92
C GLU C 127 -4.73 -36.25 -23.38
N ARG D 9 9.59 23.00 23.01
CA ARG D 9 9.03 21.99 22.11
C ARG D 9 7.50 21.91 22.30
N TYR D 10 6.70 22.37 21.29
CA TYR D 10 7.12 22.92 19.99
C TYR D 10 7.33 24.43 20.08
N LYS D 11 7.03 25.00 21.24
CA LYS D 11 7.08 26.42 21.49
C LYS D 11 8.41 27.13 21.30
N LYS D 12 9.45 26.62 21.99
CA LYS D 12 10.80 27.18 21.93
C LYS D 12 11.30 27.17 20.45
N PRO D 13 11.29 26.03 19.70
CA PRO D 13 11.74 26.08 18.29
C PRO D 13 10.93 27.03 17.39
N ALA D 14 9.58 27.06 17.56
CA ALA D 14 8.71 27.91 16.75
C ALA D 14 9.00 29.39 16.98
N LYS D 15 9.31 29.78 18.25
CA LYS D 15 9.62 31.16 18.58
C LYS D 15 10.88 31.66 17.92
N MET D 16 11.87 30.75 17.85
CA MET D 16 13.16 30.99 17.22
C MET D 16 12.96 31.15 15.70
N LEU D 17 12.17 30.25 15.12
CA LEU D 17 11.79 30.26 13.69
C LEU D 17 11.13 31.60 13.35
N HIS D 18 10.18 32.07 14.20
CA HIS D 18 9.47 33.34 14.05
C HIS D 18 10.44 34.54 13.98
N GLU D 19 11.38 34.63 14.95
CA GLU D 19 12.36 35.72 15.04
C GLU D 19 13.30 35.78 13.83
N ILE D 20 13.78 34.62 13.36
CA ILE D 20 14.64 34.54 12.16
C ILE D 20 13.86 34.98 10.91
N CYS D 21 12.64 34.47 10.77
CA CYS D 21 11.82 34.77 9.60
C CYS D 21 11.25 36.15 9.49
N ILE D 22 11.06 36.85 10.64
CA ILE D 22 10.67 38.26 10.65
C ILE D 22 11.82 39.06 10.04
N ALA D 23 13.06 38.76 10.49
CA ALA D 23 14.29 39.43 10.04
C ALA D 23 14.53 39.22 8.52
N GLU D 24 14.39 37.97 8.03
CA GLU D 24 14.59 37.62 6.62
C GLU D 24 13.56 38.23 5.68
N SER D 25 12.27 38.14 6.05
CA SER D 25 11.16 38.61 5.23
C SER D 25 10.93 40.12 5.27
N GLY D 26 11.32 40.75 6.37
CA GLY D 26 11.06 42.17 6.57
C GLY D 26 9.62 42.42 6.96
N ALA D 27 8.90 41.36 7.39
CA ALA D 27 7.51 41.49 7.82
C ALA D 27 7.46 42.13 9.21
N SER D 28 6.41 42.94 9.46
CA SER D 28 6.22 43.57 10.78
C SER D 28 5.36 42.65 11.66
N GLU D 29 5.43 42.84 12.99
CA GLU D 29 4.60 42.07 13.92
C GLU D 29 3.12 42.31 13.64
N GLU D 30 2.75 43.57 13.27
CA GLU D 30 1.39 43.97 12.93
C GLU D 30 0.87 43.19 11.72
N GLN D 31 1.71 43.02 10.68
CA GLN D 31 1.35 42.31 9.45
C GLN D 31 1.06 40.82 9.73
N LEU D 32 1.86 40.21 10.61
CA LEU D 32 1.71 38.80 10.98
C LEU D 32 0.56 38.58 11.96
N ARG D 33 0.36 39.53 12.90
CA ARG D 33 -0.69 39.54 13.95
C ARG D 33 -2.11 39.46 13.38
N THR D 34 -2.28 39.64 12.06
CA THR D 34 -3.57 39.50 11.38
C THR D 34 -4.07 38.06 11.52
N CYS D 35 -3.13 37.10 11.75
CA CYS D 35 -3.46 35.68 11.94
C CYS D 35 -4.32 35.38 13.21
N LEU D 36 -4.33 36.30 14.20
CA LEU D 36 -5.03 36.11 15.48
C LEU D 36 -6.54 35.83 15.40
N ASP D 37 -7.18 36.25 14.28
CA ASP D 37 -8.61 36.00 14.03
C ASP D 37 -8.81 34.87 12.99
N GLY D 38 -7.71 34.20 12.63
CA GLY D 38 -7.73 33.11 11.65
C GLY D 38 -7.44 33.48 10.22
N THR D 39 -7.15 34.76 9.96
CA THR D 39 -6.84 35.18 8.59
C THR D 39 -5.40 34.87 8.21
N VAL D 40 -5.19 34.29 7.02
CA VAL D 40 -3.81 34.03 6.57
C VAL D 40 -3.25 35.41 6.15
N PRO D 41 -2.14 35.87 6.75
CA PRO D 41 -1.60 37.21 6.41
C PRO D 41 -1.34 37.38 4.89
N THR D 42 -1.72 38.54 4.34
CA THR D 42 -1.65 38.83 2.90
C THR D 42 -0.60 39.83 2.44
N ALA D 43 0.02 40.57 3.36
CA ALA D 43 1.08 41.54 3.02
C ALA D 43 2.22 40.81 2.29
N PRO D 44 2.80 41.41 1.24
CA PRO D 44 3.91 40.75 0.52
C PRO D 44 5.01 40.21 1.42
N ALA D 45 5.44 41.00 2.43
CA ALA D 45 6.45 40.60 3.41
C ALA D 45 5.99 39.41 4.26
N ALA D 46 4.69 39.36 4.60
CA ALA D 46 4.09 38.28 5.40
C ALA D 46 4.04 36.96 4.61
N LYS D 47 3.77 37.03 3.29
CA LYS D 47 3.77 35.84 2.41
C LYS D 47 5.20 35.27 2.38
N CYS D 48 6.21 36.16 2.31
CA CYS D 48 7.60 35.75 2.33
C CYS D 48 8.03 35.16 3.67
N TYR D 49 7.41 35.61 4.77
CA TYR D 49 7.66 35.05 6.11
C TYR D 49 7.22 33.57 6.10
N ILE D 50 6.06 33.26 5.49
CA ILE D 50 5.56 31.87 5.37
C ILE D 50 6.55 31.03 4.58
N HIS D 51 7.06 31.54 3.42
CA HIS D 51 8.07 30.80 2.64
C HIS D 51 9.29 30.55 3.50
N CYS D 52 9.75 31.58 4.24
CA CYS D 52 10.89 31.45 5.15
C CYS D 52 10.70 30.28 6.14
N LEU D 53 9.52 30.16 6.78
CA LEU D 53 9.21 29.05 7.70
C LEU D 53 9.39 27.69 7.02
N PHE D 54 8.77 27.50 5.83
CA PHE D 54 8.88 26.25 5.06
C PHE D 54 10.32 25.91 4.69
N ASP D 55 11.08 26.93 4.26
CA ASP D 55 12.49 26.78 3.92
C ASP D 55 13.32 26.34 5.12
N LYS D 56 13.12 27.00 6.29
CA LYS D 56 13.90 26.69 7.51
C LYS D 56 13.64 25.28 8.03
N ILE D 57 12.39 24.78 7.93
CA ILE D 57 12.04 23.43 8.39
C ILE D 57 12.26 22.36 7.33
N ASP D 58 12.79 22.79 6.16
CA ASP D 58 13.18 21.95 5.02
C ASP D 58 12.01 21.17 4.36
N VAL D 59 10.85 21.85 4.20
CA VAL D 59 9.68 21.23 3.55
C VAL D 59 9.43 21.81 2.13
N VAL D 60 10.40 22.56 1.61
CA VAL D 60 10.32 23.11 0.24
C VAL D 60 11.05 22.09 -0.66
N ASP D 61 10.33 21.47 -1.60
CA ASP D 61 10.88 20.50 -2.55
C ASP D 61 11.96 21.16 -3.42
N GLU D 62 13.17 20.59 -3.42
CA GLU D 62 14.30 21.11 -4.19
C GLU D 62 14.02 21.15 -5.69
N ALA D 63 13.53 20.04 -6.24
CA ALA D 63 13.24 19.87 -7.67
C ALA D 63 12.14 20.77 -8.25
N THR D 64 11.02 20.95 -7.53
CA THR D 64 9.87 21.72 -8.04
C THR D 64 9.54 23.03 -7.34
N GLY D 65 9.88 23.15 -6.06
CA GLY D 65 9.51 24.31 -5.27
C GLY D 65 8.16 24.07 -4.57
N ARG D 66 7.51 22.90 -4.80
CA ARG D 66 6.23 22.59 -4.14
C ARG D 66 6.48 22.34 -2.62
N ILE D 67 5.41 22.57 -1.81
CA ILE D 67 5.51 22.40 -0.35
C ILE D 67 5.15 20.95 0.03
N LEU D 68 6.07 20.25 0.69
CA LEU D 68 5.89 18.84 1.09
C LEU D 68 5.05 18.78 2.38
N LEU D 69 3.72 18.90 2.21
CA LEU D 69 2.76 18.95 3.30
C LEU D 69 2.71 17.72 4.20
N ASP D 70 2.93 16.52 3.65
CA ASP D 70 2.96 15.30 4.47
C ASP D 70 4.17 15.36 5.40
N ARG D 71 5.30 15.91 4.90
CA ARG D 71 6.53 16.11 5.69
C ARG D 71 6.30 17.12 6.80
N LEU D 72 5.52 18.20 6.48
CA LEU D 72 5.20 19.25 7.45
C LEU D 72 4.40 18.61 8.61
N LEU D 73 3.47 17.70 8.29
CA LEU D 73 2.65 16.99 9.27
C LEU D 73 3.49 16.12 10.23
N TYR D 74 4.71 15.68 9.80
CA TYR D 74 5.62 14.89 10.66
C TYR D 74 6.18 15.81 11.75
N ILE D 75 6.42 17.10 11.40
CA ILE D 75 6.93 18.14 12.28
C ILE D 75 5.81 18.67 13.18
N ILE D 76 4.57 18.72 12.63
CA ILE D 76 3.31 19.17 13.26
C ILE D 76 3.41 20.58 13.82
N HIS D 86 -6.03 16.20 -1.95
CA HIS D 86 -6.44 15.18 -1.00
C HIS D 86 -7.11 15.54 0.34
N LEU D 87 -7.01 16.78 0.89
CA LEU D 87 -6.45 18.01 0.41
C LEU D 87 -4.96 18.11 0.51
N THR D 88 -4.31 17.09 1.12
CA THR D 88 -2.87 17.08 1.25
C THR D 88 -2.24 16.98 -0.14
N ARG D 89 -2.76 16.07 -1.00
CA ARG D 89 -2.19 15.94 -2.34
C ARG D 89 -2.32 17.17 -3.22
N GLU D 90 -3.54 17.75 -3.31
CA GLU D 90 -3.67 18.90 -4.19
C GLU D 90 -2.85 20.10 -3.73
N CYS D 91 -2.89 20.40 -2.43
CA CYS D 91 -2.22 21.57 -1.85
C CYS D 91 -0.71 21.43 -1.84
N SER D 92 -0.18 20.20 -1.85
CA SER D 92 1.25 19.95 -1.89
C SER D 92 1.83 19.96 -3.32
N HIS D 93 1.02 20.29 -4.34
CA HIS D 93 1.48 20.37 -5.72
C HIS D 93 1.27 21.78 -6.34
N ILE D 94 1.07 22.77 -5.51
CA ILE D 94 0.89 24.17 -5.92
C ILE D 94 2.28 24.75 -6.16
N VAL D 95 2.52 25.27 -7.38
CA VAL D 95 3.78 25.93 -7.72
C VAL D 95 3.44 27.19 -8.49
N THR D 96 4.01 28.33 -8.09
CA THR D 96 3.83 29.62 -8.76
C THR D 96 5.23 30.16 -9.12
N PRO D 97 5.36 31.23 -9.96
CA PRO D 97 6.69 31.78 -10.26
C PRO D 97 7.35 32.50 -9.08
N ASP D 98 6.59 32.71 -7.99
CA ASP D 98 7.10 33.41 -6.80
C ASP D 98 7.02 32.52 -5.56
N LYS D 99 8.18 32.31 -4.90
CA LYS D 99 8.34 31.46 -3.69
C LYS D 99 7.38 31.89 -2.56
N CYS D 100 7.19 33.19 -2.37
CA CYS D 100 6.28 33.72 -1.35
C CYS D 100 4.82 33.46 -1.68
N GLU D 101 4.44 33.60 -2.97
CA GLU D 101 3.08 33.32 -3.42
C GLU D 101 2.79 31.82 -3.33
N THR D 102 3.81 30.98 -3.64
CA THR D 102 3.67 29.50 -3.54
C THR D 102 3.34 29.10 -2.10
N ALA D 103 4.11 29.64 -1.12
CA ALA D 103 3.89 29.37 0.30
C ALA D 103 2.50 29.84 0.76
N TYR D 104 2.13 31.09 0.41
CA TYR D 104 0.83 31.66 0.76
C TYR D 104 -0.33 30.82 0.20
N GLU D 105 -0.29 30.52 -1.11
CA GLU D 105 -1.35 29.73 -1.78
C GLU D 105 -1.45 28.32 -1.19
N THR D 106 -0.33 27.74 -0.77
CA THR D 106 -0.33 26.38 -0.16
C THR D 106 -1.11 26.42 1.16
N VAL D 107 -0.81 27.42 2.01
CA VAL D 107 -1.45 27.61 3.33
C VAL D 107 -2.96 27.89 3.15
N LYS D 108 -3.32 28.77 2.21
CA LYS D 108 -4.72 29.08 1.88
C LYS D 108 -5.50 27.83 1.46
N CYS D 109 -4.86 26.97 0.64
CA CYS D 109 -5.43 25.70 0.16
C CYS D 109 -5.64 24.69 1.33
N TYR D 110 -4.57 24.45 2.10
CA TYR D 110 -4.49 23.45 3.15
C TYR D 110 -5.10 23.81 4.49
N PHE D 111 -4.78 25.00 5.02
CA PHE D 111 -5.30 25.46 6.31
C PHE D 111 -6.48 26.40 6.08
N ASN D 112 -7.56 25.85 5.50
CA ASN D 112 -8.78 26.59 5.16
C ASN D 112 -9.67 26.91 6.38
N ALA D 113 -9.61 26.07 7.44
CA ALA D 113 -10.37 26.25 8.67
C ALA D 113 -9.70 27.29 9.56
N HIS D 114 -10.51 28.21 10.13
CA HIS D 114 -10.07 29.28 11.02
C HIS D 114 -9.27 28.80 12.23
N ASP D 115 -9.71 27.70 12.87
CA ASP D 115 -9.02 27.20 14.05
C ASP D 115 -7.64 26.57 13.78
N GLU D 116 -7.39 26.12 12.53
CA GLU D 116 -6.08 25.59 12.12
C GLU D 116 -5.09 26.77 12.08
N VAL D 117 -5.48 27.88 11.41
CA VAL D 117 -4.66 29.09 11.28
C VAL D 117 -4.36 29.67 12.67
N ILE D 118 -5.39 29.80 13.54
CA ILE D 118 -5.25 30.34 14.90
C ILE D 118 -4.22 29.57 15.74
N LYS D 119 -4.28 28.24 15.72
CA LYS D 119 -3.35 27.38 16.47
C LYS D 119 -1.89 27.63 16.08
N PHE D 120 -1.59 27.67 14.75
CA PHE D 120 -0.24 27.95 14.24
C PHE D 120 0.14 29.39 14.52
N CYS D 121 -0.85 30.31 14.43
CA CYS D 121 -0.67 31.73 14.74
C CYS D 121 -0.17 31.90 16.18
N HIS D 122 -0.85 31.25 17.16
CA HIS D 122 -0.49 31.33 18.59
C HIS D 122 0.92 30.76 18.83
N LEU D 123 1.20 29.61 18.23
CA LEU D 123 2.50 28.94 18.33
C LEU D 123 3.66 29.84 17.89
N LEU D 124 3.52 30.52 16.74
CA LEU D 124 4.58 31.33 16.17
C LEU D 124 4.67 32.73 16.74
N VAL D 125 3.54 33.39 16.75
CA VAL D 125 3.47 34.80 17.11
C VAL D 125 3.45 35.10 18.59
N LEU D 126 2.77 34.25 19.38
CA LEU D 126 2.68 34.52 20.81
C LEU D 126 3.86 34.12 21.68
N GLU D 127 3.99 34.78 22.85
CA GLU D 127 5.03 34.48 23.84
C GLU D 127 4.88 33.00 24.29
N ARG E 9 -6.08 3.10 -34.10
CA ARG E 9 -5.44 2.23 -33.13
C ARG E 9 -4.00 1.87 -33.54
N TYR E 10 -3.03 2.77 -33.29
CA TYR E 10 -3.17 4.09 -32.66
C TYR E 10 -2.89 5.21 -33.66
N LYS E 11 -2.59 4.85 -34.92
CA LYS E 11 -2.22 5.76 -36.00
C LYS E 11 -3.26 6.83 -36.37
N LYS E 12 -4.52 6.42 -36.63
CA LYS E 12 -5.61 7.34 -36.98
C LYS E 12 -5.85 8.37 -35.84
N PRO E 13 -6.09 7.95 -34.55
CA PRO E 13 -6.30 8.94 -33.48
C PRO E 13 -5.11 9.88 -33.27
N ALA E 14 -3.86 9.35 -33.33
CA ALA E 14 -2.64 10.16 -33.14
C ALA E 14 -2.49 11.25 -34.21
N LYS E 15 -2.85 10.94 -35.47
CA LYS E 15 -2.75 11.91 -36.56
C LYS E 15 -3.73 13.06 -36.38
N MET E 16 -4.94 12.75 -35.87
CA MET E 16 -5.99 13.71 -35.56
C MET E 16 -5.52 14.63 -34.42
N LEU E 17 -4.97 14.00 -33.36
CA LEU E 17 -4.41 14.65 -32.18
C LEU E 17 -3.32 15.63 -32.62
N HIS E 18 -2.40 15.20 -33.53
CA HIS E 18 -1.30 16.02 -34.06
C HIS E 18 -1.82 17.29 -34.75
N GLU E 19 -2.82 17.15 -35.66
CA GLU E 19 -3.41 18.26 -36.41
C GLU E 19 -4.07 19.30 -35.50
N ILE E 20 -4.84 18.84 -34.49
CA ILE E 20 -5.50 19.71 -33.52
C ILE E 20 -4.46 20.45 -32.68
N CYS E 21 -3.46 19.71 -32.18
CA CYS E 21 -2.45 20.31 -31.31
C CYS E 21 -1.45 21.22 -31.96
N ILE E 22 -1.18 21.05 -33.27
CA ILE E 22 -0.36 21.99 -34.04
C ILE E 22 -1.10 23.33 -34.06
N ALA E 23 -2.40 23.29 -34.38
CA ALA E 23 -3.28 24.47 -34.47
C ALA E 23 -3.38 25.21 -33.14
N GLU E 24 -3.61 24.47 -32.03
CA GLU E 24 -3.74 25.05 -30.69
C GLU E 24 -2.46 25.66 -30.15
N SER E 25 -1.32 24.95 -30.29
CA SER E 25 -0.03 25.39 -29.77
C SER E 25 0.67 26.45 -30.61
N GLY E 26 0.39 26.46 -31.91
CA GLY E 26 1.06 27.35 -32.85
C GLY E 26 2.45 26.85 -33.20
N ALA E 27 2.73 25.55 -32.94
CA ALA E 27 4.02 24.96 -33.27
C ALA E 27 4.09 24.70 -34.78
N SER E 28 5.31 24.82 -35.35
CA SER E 28 5.52 24.51 -36.77
C SER E 28 5.93 23.04 -36.91
N GLU E 29 5.77 22.47 -38.13
CA GLU E 29 6.19 21.10 -38.38
C GLU E 29 7.69 20.94 -38.15
N GLU E 30 8.48 21.97 -38.53
CA GLU E 30 9.94 22.00 -38.36
C GLU E 30 10.34 21.94 -36.89
N GLN E 31 9.62 22.67 -36.01
CA GLN E 31 9.91 22.71 -34.58
C GLN E 31 9.63 21.32 -33.94
N LEU E 32 8.59 20.66 -34.42
CA LEU E 32 8.21 19.34 -33.92
C LEU E 32 9.07 18.22 -34.46
N ARG E 33 9.45 18.35 -35.75
CA ARG E 33 10.29 17.39 -36.46
C ARG E 33 11.68 17.17 -35.86
N THR E 34 12.03 18.00 -34.82
CA THR E 34 13.30 17.83 -34.12
C THR E 34 13.28 16.49 -33.34
N CYS E 35 12.05 15.94 -33.10
CA CYS E 35 11.89 14.64 -32.43
C CYS E 35 12.44 13.43 -33.23
N LEU E 36 12.66 13.60 -34.56
CA LEU E 36 13.10 12.50 -35.45
C LEU E 36 14.42 11.85 -35.10
N ASP E 37 15.29 12.55 -34.35
CA ASP E 37 16.57 12.03 -33.87
C ASP E 37 16.51 11.65 -32.37
N GLY E 38 15.30 11.71 -31.78
CA GLY E 38 15.06 11.38 -30.39
C GLY E 38 15.09 12.56 -29.43
N THR E 39 15.26 13.79 -29.94
CA THR E 39 15.29 14.99 -29.10
C THR E 39 13.86 15.39 -28.77
N VAL E 40 13.63 15.70 -27.48
CA VAL E 40 12.31 16.19 -27.10
C VAL E 40 12.29 17.67 -27.56
N PRO E 41 11.31 18.10 -28.42
CA PRO E 41 11.32 19.47 -28.93
C PRO E 41 11.35 20.52 -27.82
N THR E 42 12.17 21.58 -28.00
CA THR E 42 12.40 22.62 -26.97
C THR E 42 11.79 23.99 -27.25
N ALA E 43 11.34 24.26 -28.48
CA ALA E 43 10.71 25.54 -28.82
C ALA E 43 9.50 25.77 -27.90
N PRO E 44 9.28 27.01 -27.39
CA PRO E 44 8.12 27.27 -26.53
C PRO E 44 6.79 26.74 -27.10
N ALA E 45 6.55 26.92 -28.41
CA ALA E 45 5.33 26.42 -29.07
C ALA E 45 5.25 24.89 -29.05
N ALA E 46 6.42 24.22 -29.21
CA ALA E 46 6.51 22.76 -29.20
C ALA E 46 6.22 22.19 -27.82
N LYS E 47 6.68 22.87 -26.72
CA LYS E 47 6.40 22.45 -25.35
C LYS E 47 4.89 22.51 -25.12
N CYS E 48 4.24 23.57 -25.65
CA CYS E 48 2.79 23.72 -25.55
C CYS E 48 2.03 22.66 -26.33
N TYR E 49 2.61 22.20 -27.47
CA TYR E 49 2.02 21.11 -28.26
C TYR E 49 1.94 19.84 -27.41
N ILE E 50 3.02 19.57 -26.63
CA ILE E 50 3.07 18.40 -25.73
C ILE E 50 1.96 18.52 -24.67
N HIS E 51 1.78 19.72 -24.05
CA HIS E 51 0.70 19.93 -23.08
C HIS E 51 -0.63 19.65 -23.74
N CYS E 52 -0.82 20.16 -24.96
CA CYS E 52 -2.06 19.94 -25.72
C CYS E 52 -2.37 18.43 -25.88
N LEU E 53 -1.36 17.61 -26.22
CA LEU E 53 -1.54 16.15 -26.36
C LEU E 53 -2.06 15.55 -25.04
N PHE E 54 -1.41 15.87 -23.91
CA PHE E 54 -1.81 15.38 -22.59
C PHE E 54 -3.24 15.81 -22.21
N ASP E 55 -3.57 17.07 -22.48
CA ASP E 55 -4.90 17.61 -22.23
C ASP E 55 -5.98 16.87 -23.07
N LYS E 56 -5.72 16.65 -24.39
CA LYS E 56 -6.69 15.99 -25.27
C LYS E 56 -6.96 14.54 -24.89
N ILE E 57 -5.93 13.82 -24.42
CA ILE E 57 -6.07 12.41 -24.01
C ILE E 57 -6.51 12.28 -22.55
N ASP E 58 -6.73 13.43 -21.87
CA ASP E 58 -7.24 13.57 -20.51
C ASP E 58 -6.31 12.99 -19.41
N VAL E 59 -4.99 13.21 -19.54
CA VAL E 59 -3.99 12.73 -18.56
C VAL E 59 -3.37 13.87 -17.74
N VAL E 60 -3.98 15.08 -17.80
CA VAL E 60 -3.54 16.21 -16.99
C VAL E 60 -4.41 16.16 -15.73
N ASP E 61 -3.78 15.98 -14.56
CA ASP E 61 -4.50 15.89 -13.29
C ASP E 61 -5.19 17.21 -12.99
N GLU E 62 -6.51 17.14 -12.76
CA GLU E 62 -7.34 18.33 -12.48
C GLU E 62 -6.86 19.07 -11.24
N ALA E 63 -6.67 18.34 -10.13
CA ALA E 63 -6.28 18.87 -8.82
C ALA E 63 -4.88 19.50 -8.74
N THR E 64 -3.87 18.85 -9.33
CA THR E 64 -2.47 19.29 -9.21
C THR E 64 -1.79 19.83 -10.46
N GLY E 65 -2.26 19.42 -11.64
CA GLY E 65 -1.63 19.80 -12.90
C GLY E 65 -0.54 18.85 -13.29
N ARG E 66 -0.28 17.81 -12.45
CA ARG E 66 0.75 16.83 -12.79
C ARG E 66 0.26 15.95 -13.96
N ILE E 67 1.20 15.32 -14.66
CA ILE E 67 0.85 14.44 -15.77
C ILE E 67 0.68 13.04 -15.19
N LEU E 68 -0.48 12.44 -15.42
CA LEU E 68 -0.82 11.10 -14.92
C LEU E 68 -0.21 10.06 -15.83
N LEU E 69 1.09 9.81 -15.63
CA LEU E 69 1.87 8.88 -16.45
C LEU E 69 1.39 7.43 -16.39
N ASP E 70 0.84 6.98 -15.24
CA ASP E 70 0.27 5.64 -15.13
C ASP E 70 -0.97 5.57 -16.02
N ARG E 71 -1.76 6.66 -16.10
CA ARG E 71 -2.93 6.70 -16.97
C ARG E 71 -2.58 6.75 -18.44
N LEU E 72 -1.46 7.40 -18.77
CA LEU E 72 -0.94 7.47 -20.12
C LEU E 72 -0.57 6.03 -20.55
N LEU E 73 0.03 5.25 -19.65
CA LEU E 73 0.40 3.83 -19.88
C LEU E 73 -0.81 2.95 -20.19
N TYR E 74 -2.03 3.31 -19.68
CA TYR E 74 -3.26 2.56 -19.97
C TYR E 74 -3.63 2.74 -21.44
N ILE E 75 -3.39 3.96 -21.98
CA ILE E 75 -3.67 4.36 -23.37
C ILE E 75 -2.57 3.79 -24.29
N ILE E 76 -1.30 3.79 -23.80
CA ILE E 76 -0.08 3.31 -24.46
C ILE E 76 0.21 4.02 -25.78
N CYS E 91 9.11 11.12 -11.95
CA CYS E 91 8.50 11.91 -13.03
C CYS E 91 7.07 12.12 -12.66
N SER E 92 6.68 11.42 -11.58
CA SER E 92 5.36 11.37 -10.97
C SER E 92 5.03 12.51 -10.00
N HIS E 93 5.92 13.51 -9.87
CA HIS E 93 5.65 14.67 -9.02
C HIS E 93 6.10 15.98 -9.66
N ILE E 94 6.27 15.97 -11.01
CA ILE E 94 6.70 17.15 -11.74
C ILE E 94 5.56 18.13 -11.95
N VAL E 95 5.69 19.31 -11.36
CA VAL E 95 4.70 20.40 -11.48
C VAL E 95 5.54 21.70 -11.55
N THR E 96 5.10 22.59 -12.44
CA THR E 96 5.82 23.87 -12.63
C THR E 96 4.76 24.97 -12.70
N PRO E 97 5.14 26.27 -12.66
CA PRO E 97 4.13 27.34 -12.82
C PRO E 97 3.54 27.42 -14.24
N ASP E 98 4.12 26.70 -15.22
CA ASP E 98 3.68 26.76 -16.61
C ASP E 98 3.31 25.37 -17.13
N LYS E 99 2.07 25.23 -17.65
CA LYS E 99 1.51 23.98 -18.21
C LYS E 99 2.40 23.36 -19.31
N CYS E 100 2.96 24.22 -20.19
CA CYS E 100 3.84 23.75 -21.26
C CYS E 100 5.16 23.24 -20.72
N GLU E 101 5.73 23.94 -19.71
CA GLU E 101 7.00 23.52 -19.08
C GLU E 101 6.79 22.21 -18.30
N THR E 102 5.62 22.07 -17.64
CA THR E 102 5.27 20.84 -16.88
C THR E 102 5.25 19.63 -17.82
N ALA E 103 4.59 19.77 -18.98
CA ALA E 103 4.50 18.70 -19.99
C ALA E 103 5.89 18.35 -20.53
N TYR E 104 6.68 19.37 -20.91
CA TYR E 104 8.03 19.17 -21.41
C TYR E 104 8.92 18.43 -20.40
N GLU E 105 8.98 18.94 -19.15
CA GLU E 105 9.82 18.36 -18.10
C GLU E 105 9.41 16.93 -17.79
N THR E 106 8.09 16.61 -17.87
CA THR E 106 7.59 15.26 -17.59
C THR E 106 8.13 14.28 -18.65
N VAL E 107 8.03 14.66 -19.95
CA VAL E 107 8.49 13.86 -21.09
C VAL E 107 10.02 13.64 -21.00
N LYS E 108 10.77 14.73 -20.69
CA LYS E 108 12.23 14.67 -20.50
C LYS E 108 12.63 13.67 -19.43
N CYS E 109 11.89 13.67 -18.32
CA CYS E 109 12.10 12.79 -17.18
C CYS E 109 11.77 11.34 -17.51
N TYR E 110 10.57 11.10 -18.04
CA TYR E 110 10.02 9.78 -18.31
C TYR E 110 10.51 9.07 -19.59
N PHE E 111 10.54 9.78 -20.72
CA PHE E 111 10.98 9.21 -22.00
C PHE E 111 12.44 9.64 -22.23
N ASN E 112 13.33 9.16 -21.37
CA ASN E 112 14.77 9.48 -21.40
C ASN E 112 15.54 8.73 -22.50
N ALA E 113 15.04 7.53 -22.90
CA ALA E 113 15.65 6.71 -23.96
C ALA E 113 15.25 7.26 -25.31
N HIS E 114 16.23 7.41 -26.23
CA HIS E 114 15.92 7.96 -27.54
C HIS E 114 14.92 7.14 -28.38
N ASP E 115 14.97 5.79 -28.23
CA ASP E 115 14.07 4.88 -28.93
C ASP E 115 12.61 5.20 -28.60
N GLU E 116 12.31 5.54 -27.31
CA GLU E 116 10.97 5.88 -26.80
C GLU E 116 10.44 7.15 -27.48
N VAL E 117 11.26 8.23 -27.49
CA VAL E 117 10.91 9.51 -28.12
C VAL E 117 10.63 9.32 -29.61
N ILE E 118 11.54 8.61 -30.33
CA ILE E 118 11.44 8.33 -31.76
C ILE E 118 10.11 7.64 -32.13
N LYS E 119 9.73 6.60 -31.38
CA LYS E 119 8.51 5.84 -31.61
C LYS E 119 7.26 6.73 -31.54
N PHE E 120 7.15 7.57 -30.49
CA PHE E 120 6.03 8.51 -30.35
C PHE E 120 6.13 9.62 -31.39
N CYS E 121 7.36 10.04 -31.74
CA CYS E 121 7.64 11.03 -32.80
C CYS E 121 7.06 10.54 -34.14
N HIS E 122 7.35 9.28 -34.53
CA HIS E 122 6.88 8.69 -35.78
C HIS E 122 5.35 8.61 -35.82
N LEU E 123 4.76 8.15 -34.71
CA LEU E 123 3.31 8.00 -34.54
C LEU E 123 2.58 9.32 -34.79
N LEU E 124 3.08 10.40 -34.18
CA LEU E 124 2.44 11.72 -34.31
C LEU E 124 2.74 12.50 -35.58
N VAL E 125 4.04 12.65 -35.92
CA VAL E 125 4.48 13.50 -37.03
C VAL E 125 4.46 12.96 -38.42
N LEU E 126 4.82 11.68 -38.59
CA LEU E 126 4.86 11.24 -39.96
C LEU E 126 3.54 10.69 -40.48
N GLU E 127 3.41 10.53 -41.81
CA GLU E 127 2.21 10.03 -42.48
C GLU E 127 1.88 8.60 -42.09
N ASP F 8 2.30 -28.43 41.16
CA ASP F 8 0.99 -27.84 41.11
C ASP F 8 1.09 -26.37 41.17
N ARG F 9 1.15 -25.86 42.38
CA ARG F 9 0.98 -24.46 42.53
C ARG F 9 1.25 -23.52 41.38
N TYR F 10 0.12 -22.94 40.97
CA TYR F 10 -0.05 -22.12 39.80
C TYR F 10 0.24 -20.66 39.82
N LYS F 11 0.00 -19.97 40.96
CA LYS F 11 0.17 -18.53 41.03
C LYS F 11 1.55 -17.95 40.67
N LYS F 12 2.63 -18.47 41.31
CA LYS F 12 4.00 -18.02 41.05
C LYS F 12 4.42 -18.24 39.57
N PRO F 13 4.29 -19.48 38.99
CA PRO F 13 4.63 -19.64 37.55
C PRO F 13 3.81 -18.77 36.59
N ALA F 14 2.47 -18.62 36.84
CA ALA F 14 1.59 -17.80 36.00
C ALA F 14 1.97 -16.33 36.00
N LYS F 15 2.39 -15.79 37.17
CA LYS F 15 2.83 -14.41 37.32
C LYS F 15 4.12 -14.13 36.54
N MET F 16 5.04 -15.11 36.52
CA MET F 16 6.30 -15.06 35.79
C MET F 16 5.97 -15.08 34.27
N LEU F 17 5.07 -16.00 33.87
CA LEU F 17 4.57 -16.13 32.49
C LEU F 17 3.98 -14.80 32.02
N HIS F 18 3.14 -14.15 32.87
CA HIS F 18 2.49 -12.86 32.56
C HIS F 18 3.52 -11.76 32.29
N GLU F 19 4.54 -11.64 33.18
CA GLU F 19 5.59 -10.60 33.06
C GLU F 19 6.44 -10.78 31.80
N ILE F 20 6.80 -12.03 31.47
CA ILE F 20 7.58 -12.33 30.24
C ILE F 20 6.73 -12.03 29.00
N CYS F 21 5.47 -12.53 29.02
CA CYS F 21 4.61 -12.33 27.87
C CYS F 21 4.12 -10.92 27.59
N ILE F 22 4.05 -10.04 28.62
CA ILE F 22 3.72 -8.61 28.45
C ILE F 22 4.89 -7.98 27.67
N ALA F 23 6.14 -8.27 28.12
CA ALA F 23 7.38 -7.75 27.55
C ALA F 23 7.55 -8.16 26.08
N GLU F 24 7.34 -9.46 25.77
CA GLU F 24 7.47 -9.99 24.41
C GLU F 24 6.41 -9.49 23.45
N SER F 25 5.14 -9.47 23.89
CA SER F 25 4.03 -9.06 23.03
C SER F 25 3.92 -7.55 22.83
N GLY F 26 4.29 -6.79 23.85
CA GLY F 26 4.14 -5.34 23.85
C GLY F 26 2.74 -4.91 24.26
N ALA F 27 1.95 -5.85 24.85
CA ALA F 27 0.60 -5.55 25.33
C ALA F 27 0.64 -4.71 26.60
N SER F 28 -0.36 -3.82 26.77
CA SER F 28 -0.48 -2.98 27.96
C SER F 28 -1.35 -3.69 28.99
N GLU F 29 -1.22 -3.31 30.28
CA GLU F 29 -2.03 -3.88 31.35
C GLU F 29 -3.52 -3.59 31.10
N GLU F 30 -3.84 -2.39 30.57
CA GLU F 30 -5.20 -1.98 30.24
C GLU F 30 -5.83 -2.86 29.16
N GLN F 31 -5.03 -3.23 28.13
CA GLN F 31 -5.48 -4.09 27.03
C GLN F 31 -5.84 -5.49 27.54
N LEU F 32 -5.03 -6.02 28.47
CA LEU F 32 -5.22 -7.35 29.04
C LEU F 32 -6.34 -7.37 30.07
N ARG F 33 -6.46 -6.28 30.87
CA ARG F 33 -7.45 -6.07 31.93
C ARG F 33 -8.90 -6.18 31.45
N THR F 34 -9.12 -6.18 30.11
CA THR F 34 -10.45 -6.35 29.51
C THR F 34 -11.00 -7.74 29.88
N CYS F 35 -10.11 -8.69 30.22
CA CYS F 35 -10.47 -10.06 30.62
C CYS F 35 -11.27 -10.14 31.93
N LEU F 36 -11.21 -9.09 32.78
CA LEU F 36 -11.86 -9.06 34.10
C LEU F 36 -13.37 -9.27 34.10
N ASP F 37 -14.06 -8.98 32.96
CA ASP F 37 -15.50 -9.21 32.80
C ASP F 37 -15.79 -10.48 31.96
N GLY F 38 -14.75 -11.24 31.65
CA GLY F 38 -14.86 -12.48 30.87
C GLY F 38 -14.62 -12.32 29.37
N THR F 39 -14.27 -11.09 28.91
CA THR F 39 -14.02 -10.84 27.49
C THR F 39 -12.61 -11.33 27.15
N VAL F 40 -12.47 -12.07 26.03
CA VAL F 40 -11.13 -12.46 25.58
C VAL F 40 -10.53 -11.17 24.96
N PRO F 41 -9.36 -10.66 25.44
CA PRO F 41 -8.82 -9.40 24.91
C PRO F 41 -8.64 -9.44 23.39
N THR F 42 -8.99 -8.34 22.71
CA THR F 42 -9.02 -8.23 21.24
C THR F 42 -7.94 -7.37 20.60
N ALA F 43 -7.24 -6.53 21.38
CA ALA F 43 -6.17 -5.69 20.83
C ALA F 43 -5.10 -6.58 20.18
N PRO F 44 -4.55 -6.17 19.00
CA PRO F 44 -3.51 -6.99 18.35
C PRO F 44 -2.38 -7.46 19.27
N ALA F 45 -1.86 -6.58 20.13
CA ALA F 45 -0.80 -6.94 21.06
C ALA F 45 -1.29 -7.96 22.12
N ALA F 46 -2.56 -7.85 22.55
CA ALA F 46 -3.16 -8.76 23.52
C ALA F 46 -3.33 -10.15 22.94
N LYS F 47 -3.67 -10.26 21.63
CA LYS F 47 -3.78 -11.55 20.94
C LYS F 47 -2.40 -12.19 20.91
N CYS F 48 -1.35 -11.38 20.67
CA CYS F 48 0.04 -11.86 20.68
C CYS F 48 0.50 -12.31 22.06
N TYR F 49 -0.02 -11.67 23.13
CA TYR F 49 0.27 -12.07 24.51
C TYR F 49 -0.25 -13.50 24.73
N ILE F 50 -1.47 -13.82 24.20
CA ILE F 50 -2.05 -15.17 24.30
C ILE F 50 -1.15 -16.19 23.58
N HIS F 51 -0.66 -15.85 22.36
CA HIS F 51 0.27 -16.73 21.63
C HIS F 51 1.50 -16.96 22.48
N CYS F 52 2.04 -15.89 23.08
CA CYS F 52 3.21 -15.98 23.95
C CYS F 52 3.01 -16.99 25.08
N LEU F 53 1.84 -16.97 25.76
CA LEU F 53 1.52 -17.91 26.84
C LEU F 53 1.61 -19.37 26.34
N PHE F 54 0.96 -19.67 25.20
CA PHE F 54 0.98 -20.98 24.59
C PHE F 54 2.40 -21.42 24.18
N ASP F 55 3.19 -20.49 23.62
CA ASP F 55 4.57 -20.74 23.23
C ASP F 55 5.44 -21.06 24.45
N LYS F 56 5.31 -20.27 25.54
CA LYS F 56 6.10 -20.49 26.76
C LYS F 56 5.80 -21.82 27.47
N ILE F 57 4.54 -22.27 27.46
CA ILE F 57 4.16 -23.57 28.06
C ILE F 57 4.33 -24.74 27.09
N ASP F 58 4.84 -24.43 25.89
CA ASP F 58 5.19 -25.38 24.81
C ASP F 58 3.99 -26.16 24.21
N VAL F 59 2.84 -25.49 24.03
CA VAL F 59 1.63 -26.11 23.47
C VAL F 59 1.33 -25.66 22.02
N VAL F 60 2.30 -25.00 21.37
CA VAL F 60 2.17 -24.57 19.97
C VAL F 60 2.82 -25.66 19.14
N ASP F 61 2.03 -26.31 18.29
CA ASP F 61 2.52 -27.41 17.44
C ASP F 61 3.56 -26.88 16.46
N GLU F 62 4.76 -27.49 16.47
CA GLU F 62 5.87 -27.10 15.58
C GLU F 62 5.49 -27.21 14.11
N ALA F 63 4.95 -28.37 13.70
CA ALA F 63 4.59 -28.68 12.32
C ALA F 63 3.47 -27.83 11.71
N THR F 64 2.37 -27.59 12.47
CA THR F 64 1.18 -26.91 11.94
C THR F 64 0.88 -25.51 12.48
N GLY F 65 1.33 -25.22 13.70
CA GLY F 65 1.04 -23.95 14.34
C GLY F 65 -0.25 -24.00 15.14
N ARG F 66 -0.96 -25.16 15.12
CA ARG F 66 -2.19 -25.25 15.86
C ARG F 66 -1.85 -25.32 17.41
N ILE F 67 -2.85 -25.03 18.24
CA ILE F 67 -2.69 -25.10 19.69
C ILE F 67 -3.08 -26.50 20.16
N LEU F 68 -2.15 -27.18 20.82
CA LEU F 68 -2.32 -28.55 21.34
C LEU F 68 -3.10 -28.49 22.65
N LEU F 69 -4.43 -28.38 22.52
CA LEU F 69 -5.34 -28.25 23.66
C LEU F 69 -5.33 -29.43 24.60
N ASP F 70 -5.12 -30.66 24.08
CA ASP F 70 -5.01 -31.85 24.93
C ASP F 70 -3.75 -31.74 25.79
N ARG F 71 -2.66 -31.19 25.22
CA ARG F 71 -1.43 -30.98 25.98
C ARG F 71 -1.55 -29.87 27.00
N LEU F 72 -2.39 -28.85 26.71
CA LEU F 72 -2.67 -27.76 27.64
C LEU F 72 -3.39 -28.35 28.85
N LEU F 73 -4.31 -29.30 28.62
CA LEU F 73 -5.07 -30.02 29.66
C LEU F 73 -4.17 -30.84 30.59
N TYR F 74 -2.97 -31.27 30.12
CA TYR F 74 -2.01 -32.01 30.96
C TYR F 74 -1.42 -31.05 32.00
N ILE F 75 -1.22 -29.77 31.59
CA ILE F 75 -0.67 -28.69 32.43
C ILE F 75 -1.77 -28.15 33.36
N ILE F 76 -3.03 -28.09 32.84
CA ILE F 76 -4.25 -27.61 33.50
C ILE F 76 -4.12 -26.18 34.04
N CYS F 91 -12.40 -27.43 18.37
CA CYS F 91 -11.35 -26.41 18.40
C CYS F 91 -9.99 -27.03 18.08
N SER F 92 -9.96 -28.33 17.76
CA SER F 92 -8.71 -29.06 17.48
C SER F 92 -8.12 -28.95 16.07
N HIS F 93 -8.64 -28.02 15.24
CA HIS F 93 -8.11 -27.82 13.90
C HIS F 93 -8.10 -26.36 13.52
N ILE F 94 -8.02 -25.45 14.52
CA ILE F 94 -7.96 -24.02 14.25
C ILE F 94 -6.53 -23.62 13.87
N VAL F 95 -6.36 -23.16 12.62
CA VAL F 95 -5.12 -22.67 12.04
C VAL F 95 -5.47 -21.44 11.20
N THR F 96 -4.68 -20.39 11.35
CA THR F 96 -4.91 -19.14 10.63
C THR F 96 -3.56 -18.67 10.03
N PRO F 97 -3.54 -17.59 9.21
CA PRO F 97 -2.25 -17.12 8.68
C PRO F 97 -1.34 -16.42 9.72
N ASP F 98 -1.89 -16.05 10.88
CA ASP F 98 -1.18 -15.30 11.93
C ASP F 98 -1.21 -16.04 13.29
N LYS F 99 -0.01 -16.23 13.92
CA LYS F 99 0.18 -16.89 15.22
C LYS F 99 -0.72 -16.32 16.31
N CYS F 100 -0.81 -14.97 16.35
CA CYS F 100 -1.59 -14.29 17.36
C CYS F 100 -3.09 -14.50 17.15
N GLU F 101 -3.55 -14.48 15.88
CA GLU F 101 -4.94 -14.74 15.54
C GLU F 101 -5.30 -16.19 15.83
N THR F 102 -4.36 -17.12 15.63
CA THR F 102 -4.58 -18.55 15.90
C THR F 102 -4.86 -18.75 17.37
N ALA F 103 -3.99 -18.16 18.23
CA ALA F 103 -4.11 -18.24 19.68
C ALA F 103 -5.44 -17.64 20.14
N TYR F 104 -5.77 -16.43 19.65
CA TYR F 104 -7.03 -15.77 19.97
C TYR F 104 -8.25 -16.62 19.60
N GLU F 105 -8.32 -17.09 18.34
CA GLU F 105 -9.44 -17.90 17.85
C GLU F 105 -9.58 -19.21 18.61
N THR F 106 -8.44 -19.81 19.03
CA THR F 106 -8.46 -21.05 19.79
C THR F 106 -9.12 -20.81 21.17
N VAL F 107 -8.73 -19.73 21.86
CA VAL F 107 -9.27 -19.35 23.18
C VAL F 107 -10.77 -19.04 23.06
N LYS F 108 -11.17 -18.29 22.03
CA LYS F 108 -12.58 -17.94 21.74
C LYS F 108 -13.42 -19.21 21.57
N CYS F 109 -12.87 -20.21 20.87
CA CYS F 109 -13.53 -21.49 20.61
C CYS F 109 -13.63 -22.35 21.89
N TYR F 110 -12.50 -22.54 22.58
CA TYR F 110 -12.37 -23.41 23.74
C TYR F 110 -12.87 -22.86 25.08
N PHE F 111 -12.50 -21.62 25.42
CA PHE F 111 -12.94 -20.99 26.66
C PHE F 111 -14.11 -20.04 26.36
N ASN F 112 -15.24 -20.65 25.92
CA ASN F 112 -16.46 -19.93 25.55
C ASN F 112 -17.26 -19.41 26.75
N ALA F 113 -17.15 -20.09 27.91
CA ALA F 113 -17.84 -19.70 29.14
C ALA F 113 -17.09 -18.53 29.81
N HIS F 114 -17.85 -17.49 30.26
CA HIS F 114 -17.32 -16.30 30.92
C HIS F 114 -16.47 -16.63 32.15
N ASP F 115 -16.93 -17.61 32.97
CA ASP F 115 -16.29 -18.09 34.19
C ASP F 115 -14.87 -18.62 33.93
N GLU F 116 -14.66 -19.33 32.81
CA GLU F 116 -13.36 -19.91 32.40
C GLU F 116 -12.35 -18.80 32.11
N VAL F 117 -12.76 -17.79 31.29
CA VAL F 117 -11.91 -16.65 30.93
C VAL F 117 -11.50 -15.87 32.20
N ILE F 118 -12.48 -15.56 33.09
CA ILE F 118 -12.27 -14.83 34.34
C ILE F 118 -11.22 -15.52 35.24
N LYS F 119 -11.33 -16.84 35.41
CA LYS F 119 -10.41 -17.62 36.25
C LYS F 119 -8.96 -17.51 35.78
N PHE F 120 -8.73 -17.67 34.46
CA PHE F 120 -7.39 -17.52 33.85
C PHE F 120 -6.94 -16.06 33.92
N CYS F 121 -7.90 -15.12 33.74
CA CYS F 121 -7.66 -13.67 33.83
C CYS F 121 -7.08 -13.32 35.21
N HIS F 122 -7.73 -13.79 36.30
CA HIS F 122 -7.32 -13.54 37.68
C HIS F 122 -5.93 -14.12 37.96
N LEU F 123 -5.72 -15.36 37.53
CA LEU F 123 -4.45 -16.09 37.69
C LEU F 123 -3.27 -15.32 37.11
N LEU F 124 -3.42 -14.84 35.86
CA LEU F 124 -2.37 -14.15 35.15
C LEU F 124 -2.19 -12.68 35.49
N VAL F 125 -3.28 -11.90 35.40
CA VAL F 125 -3.28 -10.43 35.53
C VAL F 125 -3.21 -9.85 36.95
N LEU F 126 -3.91 -10.44 37.91
CA LEU F 126 -3.91 -9.88 39.26
C LEU F 126 -2.75 -10.28 40.14
N GLU F 127 -2.54 -9.52 41.25
CA GLU F 127 -1.48 -9.77 42.24
C GLU F 127 -1.66 -11.14 42.93
#